data_4XQC
#
_entry.id   4XQC
#
_cell.length_a   60.075
_cell.length_b   109.791
_cell.length_c   157.342
_cell.angle_alpha   90.000
_cell.angle_beta   90.000
_cell.angle_gamma   90.000
#
_symmetry.space_group_name_H-M   'P 2 21 21'
#
loop_
_entity.id
_entity.type
_entity.pdbx_description
1 polymer 'Homospermidine synthase'
2 non-polymer NICOTINAMIDE-ADENINE-DINUCLEOTIDE
3 non-polymer 1,3-DIAMINOPROPANE
4 non-polymer 3-PYRIDINIUM-1-YLPROPANE-1-SULFONATE
5 non-polymer 'ACETATE ION'
6 water water
#
_entity_poly.entity_id   1
_entity_poly.type   'polypeptide(L)'
_entity_poly.pdbx_seq_one_letter_code
;DWPVYHRIDGPIVMIGFGSIGRGTLPLIERHFAFDRSKLVVIDPSDEARKLAEARGVRFIQQAVTRDNYRELLVPLLTAG
PGQGFCVNLSVDTSSLDIMELARENGALYIDTVVEPWLGFYFDPDLKPEARSNYALRETVLAARRNKPGGTTAVSCCGAN
PGMVSWFVKQALVNLAADLGVTGEEPTTREEWARLAMDLGVKGIHIAERDTQRASFPKPFDVFVNTWSVEGFVSEGLQPA
ELGWGTFERWMPDNARGHDSGCGAGIYLLQPGANTRVRSWTPTAMAQYGFLVTHNESISIADFLTVRDAAGQAVYRPTCH
YAYHPCNDAVLSLHEMFGSGKRQSDWRILDETEIVDGIDELGVLLYGHGKNAYWYGSQLSIEETRRIAPDQNATGLQVSS
AVLAGMVWALENPNAGIVEADDLDFRRCLEVQTPYLGPVVGVYTDWTPLAGRPGLFPEDIDTSDPWQFRNVLVRD
;
_entity_poly.pdbx_strand_id   A,B
#
# COMPACT_ATOMS: atom_id res chain seq x y z
N ASP A 1 32.55 0.49 -31.87
CA ASP A 1 32.39 1.30 -30.67
C ASP A 1 31.13 2.13 -30.76
N TRP A 2 30.95 3.06 -29.82
CA TRP A 2 29.70 3.79 -29.70
C TRP A 2 29.58 4.87 -30.78
N PRO A 3 28.38 5.05 -31.34
CA PRO A 3 28.22 6.08 -32.36
C PRO A 3 28.34 7.49 -31.81
N VAL A 4 29.03 8.34 -32.55
CA VAL A 4 29.06 9.76 -32.24
C VAL A 4 28.11 10.43 -33.23
N TYR A 5 26.98 10.88 -32.72
CA TYR A 5 25.91 11.31 -33.60
C TYR A 5 26.08 12.70 -34.17
N HIS A 6 26.76 13.59 -33.46
CA HIS A 6 26.74 15.00 -33.85
C HIS A 6 27.79 15.76 -33.06
N ARG A 7 28.28 16.84 -33.66
CA ARG A 7 29.11 17.78 -32.94
C ARG A 7 28.21 18.84 -32.31
N ILE A 8 28.48 19.19 -31.06
CA ILE A 8 27.84 20.32 -30.44
C ILE A 8 28.84 21.46 -30.46
N ASP A 9 28.45 22.52 -31.15
CA ASP A 9 29.34 23.63 -31.50
C ASP A 9 29.20 24.79 -30.56
N GLY A 10 29.00 24.51 -29.28
CA GLY A 10 28.74 25.54 -28.31
C GLY A 10 28.70 24.95 -26.91
N PRO A 11 28.40 25.79 -25.93
CA PRO A 11 28.35 25.33 -24.54
C PRO A 11 27.27 24.29 -24.32
N ILE A 12 27.57 23.34 -23.46
CA ILE A 12 26.57 22.39 -22.98
C ILE A 12 26.37 22.71 -21.52
N VAL A 13 25.19 23.21 -21.17
CA VAL A 13 24.90 23.64 -19.82
C VAL A 13 23.86 22.68 -19.25
N MET A 14 24.33 21.85 -18.33
CA MET A 14 23.46 20.89 -17.67
CA MET A 14 23.47 20.87 -17.66
C MET A 14 22.98 21.47 -16.35
N ILE A 15 21.68 21.70 -16.26
CA ILE A 15 21.10 22.22 -15.05
C ILE A 15 20.53 21.04 -14.29
N GLY A 16 21.13 20.78 -13.12
CA GLY A 16 20.73 19.64 -12.31
C GLY A 16 21.65 18.45 -12.50
N PHE A 17 22.13 17.91 -11.39
CA PHE A 17 23.02 16.77 -11.39
C PHE A 17 22.62 15.80 -10.30
N GLY A 18 21.33 15.44 -10.32
CA GLY A 18 20.80 14.38 -9.49
C GLY A 18 20.85 13.08 -10.26
N SER A 19 19.90 12.18 -9.98
CA SER A 19 19.99 10.85 -10.58
C SER A 19 19.98 10.90 -12.11
N ILE A 20 19.18 11.79 -12.70
CA ILE A 20 19.12 11.83 -14.17
C ILE A 20 20.34 12.55 -14.78
N GLY A 21 20.75 13.66 -14.21
CA GLY A 21 21.94 14.33 -14.72
C GLY A 21 23.15 13.43 -14.65
N ARG A 22 23.26 12.66 -13.57
CA ARG A 22 24.39 11.78 -13.41
C ARG A 22 24.39 10.68 -14.47
N GLY A 23 23.20 10.24 -14.88
CA GLY A 23 23.11 9.21 -15.90
C GLY A 23 23.24 9.75 -17.31
N THR A 24 22.92 11.02 -17.48
CA THR A 24 22.90 11.62 -18.81
C THR A 24 24.29 12.10 -19.20
N LEU A 25 25.03 12.65 -18.23
CA LEU A 25 26.36 13.14 -18.52
C LEU A 25 27.23 12.13 -19.29
N PRO A 26 27.33 10.88 -18.81
CA PRO A 26 28.19 9.98 -19.57
C PRO A 26 27.70 9.74 -20.99
N LEU A 27 26.39 9.81 -21.23
CA LEU A 27 25.86 9.56 -22.55
C LEU A 27 26.18 10.73 -23.47
N ILE A 28 26.14 11.94 -22.93
CA ILE A 28 26.49 13.12 -23.72
C ILE A 28 27.96 13.05 -24.09
N GLU A 29 28.81 12.70 -23.14
CA GLU A 29 30.24 12.59 -23.40
C GLU A 29 30.53 11.51 -24.43
N ARG A 30 29.76 10.44 -24.35
CA ARG A 30 29.95 9.29 -25.22
C ARG A 30 29.54 9.55 -26.68
N HIS A 31 28.44 10.25 -26.86
CA HIS A 31 27.75 10.28 -28.14
C HIS A 31 27.84 11.60 -28.91
N PHE A 32 28.42 12.63 -28.30
CA PHE A 32 28.57 13.91 -28.98
C PHE A 32 30.03 14.35 -29.00
N ALA A 33 30.42 15.03 -30.06
CA ALA A 33 31.75 15.62 -30.17
C ALA A 33 31.71 17.07 -29.70
N PHE A 34 32.63 17.40 -28.81
CA PHE A 34 32.77 18.75 -28.29
C PHE A 34 34.02 18.80 -27.43
N ASP A 35 34.60 19.98 -27.31
CA ASP A 35 35.74 20.14 -26.42
C ASP A 35 35.24 20.06 -25.00
N ARG A 36 35.98 19.33 -24.15
CA ARG A 36 35.52 18.99 -22.82
C ARG A 36 35.18 20.22 -22.02
N SER A 37 35.91 21.31 -22.24
CA SER A 37 35.69 22.51 -21.43
C SER A 37 34.39 23.22 -21.81
N LYS A 38 33.69 22.74 -22.82
CA LYS A 38 32.40 23.32 -23.22
C LYS A 38 31.26 22.97 -22.26
N LEU A 39 31.45 21.91 -21.49
CA LEU A 39 30.36 21.38 -20.66
C LEU A 39 30.49 21.90 -19.25
N VAL A 40 29.38 22.37 -18.71
CA VAL A 40 29.35 22.81 -17.33
C VAL A 40 28.01 22.38 -16.70
N VAL A 41 28.11 21.92 -15.46
CA VAL A 41 26.96 21.46 -14.69
C VAL A 41 26.65 22.49 -13.63
N ILE A 42 25.36 22.76 -13.40
CA ILE A 42 24.93 23.68 -12.37
C ILE A 42 24.00 22.96 -11.42
N ASP A 43 24.35 22.92 -10.13
CA ASP A 43 23.51 22.28 -9.13
C ASP A 43 23.93 22.80 -7.76
N PRO A 44 22.98 23.16 -6.90
CA PRO A 44 23.35 23.70 -5.58
C PRO A 44 23.91 22.69 -4.57
N SER A 45 23.80 21.41 -4.86
CA SER A 45 24.10 20.38 -3.87
C SER A 45 25.60 20.05 -3.73
N ASP A 46 26.04 19.93 -2.48
CA ASP A 46 27.40 19.51 -2.19
C ASP A 46 27.67 18.11 -2.69
N GLU A 47 26.71 17.21 -2.50
CA GLU A 47 26.83 15.84 -3.00
C GLU A 47 27.08 15.84 -4.51
N ALA A 48 26.34 16.67 -5.23
CA ALA A 48 26.49 16.74 -6.66
C ALA A 48 27.87 17.31 -7.04
N ARG A 49 28.29 18.34 -6.33
CA ARG A 49 29.58 18.95 -6.61
C ARG A 49 30.69 17.90 -6.49
N LYS A 50 30.67 17.12 -5.42
CA LYS A 50 31.72 16.14 -5.20
C LYS A 50 31.76 15.09 -6.31
N LEU A 51 30.60 14.67 -6.78
CA LEU A 51 30.55 13.68 -7.84
C LEU A 51 31.04 14.30 -9.14
N ALA A 52 30.66 15.55 -9.38
CA ALA A 52 31.10 16.25 -10.58
C ALA A 52 32.62 16.40 -10.59
N GLU A 53 33.16 16.74 -9.43
CA GLU A 53 34.61 16.88 -9.30
C GLU A 53 35.30 15.56 -9.65
N ALA A 54 34.76 14.46 -9.14
CA ALA A 54 35.33 13.13 -9.42
C ALA A 54 35.23 12.75 -10.88
N ARG A 55 34.25 13.31 -11.58
N ARG A 55 34.24 13.31 -11.57
CA ARG A 55 34.06 13.00 -13.00
CA ARG A 55 34.03 13.02 -12.99
C ARG A 55 34.78 14.02 -13.89
C ARG A 55 34.79 14.01 -13.89
N GLY A 56 35.48 14.95 -13.26
CA GLY A 56 36.33 15.90 -13.98
C GLY A 56 35.62 16.95 -14.80
N VAL A 57 34.40 17.28 -14.43
CA VAL A 57 33.63 18.24 -15.21
C VAL A 57 33.47 19.54 -14.43
N ARG A 58 33.37 20.62 -15.20
CA ARG A 58 33.11 21.93 -14.65
C ARG A 58 31.78 21.93 -13.90
N PHE A 59 31.76 22.58 -12.74
CA PHE A 59 30.58 22.56 -11.89
C PHE A 59 30.42 23.90 -11.22
N ILE A 60 29.23 24.47 -11.31
CA ILE A 60 28.91 25.70 -10.64
C ILE A 60 27.86 25.40 -9.59
N GLN A 61 28.22 25.61 -8.33
CA GLN A 61 27.35 25.24 -7.24
C GLN A 61 26.41 26.38 -6.92
N GLN A 62 25.30 26.41 -7.64
CA GLN A 62 24.34 27.49 -7.50
C GLN A 62 22.95 26.98 -7.83
N ALA A 63 21.96 27.39 -7.03
CA ALA A 63 20.56 27.17 -7.37
C ALA A 63 20.15 28.19 -8.41
N VAL A 64 19.57 27.71 -9.50
CA VAL A 64 18.96 28.60 -10.48
C VAL A 64 17.61 29.07 -9.96
N THR A 65 17.41 30.37 -9.93
CA THR A 65 16.20 30.94 -9.37
C THR A 65 15.61 31.96 -10.29
N ARG A 66 14.37 32.36 -10.00
CA ARG A 66 13.70 33.36 -10.81
C ARG A 66 14.55 34.63 -10.79
N ASP A 67 15.26 34.86 -9.70
N ASP A 67 15.22 34.89 -9.69
CA ASP A 67 15.98 36.11 -9.54
CA ASP A 67 16.01 36.14 -9.54
C ASP A 67 17.35 36.11 -10.23
C ASP A 67 17.36 36.11 -10.21
N ASN A 68 17.96 34.94 -10.46
CA ASN A 68 19.29 34.91 -11.04
C ASN A 68 19.42 34.23 -12.41
N TYR A 69 18.34 33.64 -12.91
CA TYR A 69 18.50 32.74 -14.04
C TYR A 69 18.98 33.45 -15.32
N ARG A 70 18.55 34.69 -15.53
CA ARG A 70 19.01 35.41 -16.71
C ARG A 70 20.47 35.76 -16.62
N GLU A 71 20.88 36.29 -15.47
CA GLU A 71 22.27 36.70 -15.28
C GLU A 71 23.22 35.52 -15.31
N LEU A 72 22.75 34.36 -14.88
CA LEU A 72 23.59 33.18 -14.87
C LEU A 72 23.59 32.47 -16.24
N LEU A 73 22.40 32.20 -16.78
CA LEU A 73 22.34 31.33 -17.93
C LEU A 73 22.62 31.97 -19.28
N VAL A 74 22.31 33.26 -19.44
CA VAL A 74 22.54 33.87 -20.74
C VAL A 74 24.03 33.88 -21.12
N PRO A 75 24.93 34.33 -20.23
CA PRO A 75 26.35 34.26 -20.62
C PRO A 75 26.83 32.83 -20.86
N LEU A 76 26.35 31.89 -20.05
CA LEU A 76 26.83 30.52 -20.18
C LEU A 76 26.37 29.90 -21.50
N LEU A 77 25.13 30.18 -21.89
CA LEU A 77 24.59 29.56 -23.10
C LEU A 77 25.06 30.22 -24.39
N THR A 78 25.61 31.43 -24.26
CA THR A 78 26.05 32.19 -25.44
C THR A 78 27.57 32.31 -25.53
N ALA A 79 28.28 31.49 -24.77
CA ALA A 79 29.74 31.58 -24.79
C ALA A 79 30.38 31.27 -26.15
N GLY A 80 29.67 30.56 -27.03
CA GLY A 80 30.12 30.34 -28.40
C GLY A 80 30.90 29.06 -28.60
N PRO A 81 31.39 28.81 -29.83
CA PRO A 81 31.33 29.74 -30.96
C PRO A 81 30.00 29.71 -31.67
N GLY A 82 29.27 28.63 -31.47
CA GLY A 82 28.02 28.44 -32.16
C GLY A 82 26.96 28.12 -31.16
N GLN A 83 26.04 27.29 -31.60
CA GLN A 83 24.84 26.99 -30.85
C GLN A 83 25.11 26.03 -29.69
N GLY A 84 24.71 26.46 -28.50
CA GLY A 84 24.83 25.64 -27.31
C GLY A 84 23.58 24.79 -27.10
N PHE A 85 23.59 24.07 -25.97
CA PHE A 85 22.53 23.16 -25.64
C PHE A 85 22.32 23.23 -24.14
N CYS A 86 21.14 23.67 -23.74
CA CYS A 86 20.71 23.66 -22.35
C CYS A 86 20.01 22.33 -22.08
N VAL A 87 20.61 21.54 -21.20
CA VAL A 87 20.10 20.23 -20.83
C VAL A 87 19.57 20.35 -19.41
N ASN A 88 18.25 20.51 -19.28
CA ASN A 88 17.66 20.85 -18.00
C ASN A 88 17.08 19.61 -17.35
N LEU A 89 17.72 19.19 -16.26
CA LEU A 89 17.39 17.94 -15.54
C LEU A 89 17.27 18.27 -14.04
N SER A 90 16.55 19.32 -13.74
CA SER A 90 16.51 19.87 -12.39
C SER A 90 15.13 19.75 -11.76
N VAL A 91 15.07 20.10 -10.48
CA VAL A 91 13.82 20.40 -9.83
C VAL A 91 13.84 21.87 -9.39
N ASP A 92 12.67 22.40 -9.08
CA ASP A 92 12.51 23.72 -8.46
C ASP A 92 12.80 24.90 -9.40
N THR A 93 12.93 24.63 -10.70
CA THR A 93 13.22 25.65 -11.70
C THR A 93 12.10 25.67 -12.73
N SER A 94 11.87 26.81 -13.36
CA SER A 94 10.82 26.93 -14.35
C SER A 94 11.28 26.46 -15.71
N SER A 95 10.72 25.35 -16.15
CA SER A 95 11.01 24.85 -17.49
C SER A 95 10.63 25.87 -18.53
N LEU A 96 9.47 26.49 -18.35
CA LEU A 96 8.99 27.46 -19.31
C LEU A 96 9.95 28.64 -19.44
N ASP A 97 10.32 29.23 -18.32
CA ASP A 97 11.17 30.42 -18.38
C ASP A 97 12.57 30.10 -18.90
N ILE A 98 13.11 28.95 -18.51
CA ILE A 98 14.45 28.59 -18.97
C ILE A 98 14.42 28.25 -20.47
N MET A 99 13.40 27.52 -20.90
CA MET A 99 13.21 27.23 -22.30
C MET A 99 13.12 28.51 -23.13
N GLU A 100 12.32 29.45 -22.66
CA GLU A 100 12.15 30.70 -23.39
C GLU A 100 13.45 31.49 -23.47
N LEU A 101 14.22 31.46 -22.39
CA LEU A 101 15.50 32.13 -22.36
CA LEU A 101 15.52 32.12 -22.35
C LEU A 101 16.47 31.48 -23.35
N ALA A 102 16.52 30.15 -23.35
CA ALA A 102 17.38 29.43 -24.28
C ALA A 102 17.01 29.80 -25.71
N ARG A 103 15.72 29.77 -26.02
CA ARG A 103 15.27 30.11 -27.36
C ARG A 103 15.59 31.54 -27.77
N GLU A 104 15.39 32.47 -26.86
CA GLU A 104 15.67 33.89 -27.15
C GLU A 104 17.14 34.10 -27.50
N ASN A 105 17.99 33.21 -26.98
CA ASN A 105 19.43 33.30 -27.17
C ASN A 105 20.00 32.28 -28.13
N GLY A 106 19.13 31.54 -28.81
CA GLY A 106 19.57 30.67 -29.87
C GLY A 106 20.16 29.34 -29.44
N ALA A 107 19.99 29.00 -28.16
CA ALA A 107 20.45 27.71 -27.64
C ALA A 107 19.33 26.67 -27.74
N LEU A 108 19.72 25.45 -28.10
CA LEU A 108 18.81 24.32 -28.05
C LEU A 108 18.49 24.02 -26.58
N TYR A 109 17.38 23.36 -26.35
CA TYR A 109 16.89 23.10 -25.01
C TYR A 109 16.18 21.74 -24.94
N ILE A 110 16.36 21.05 -23.84
CA ILE A 110 15.58 19.85 -23.56
C ILE A 110 15.32 19.73 -22.06
N ASP A 111 14.15 19.20 -21.71
CA ASP A 111 13.88 18.85 -20.33
C ASP A 111 13.00 17.58 -20.30
N THR A 112 12.62 17.18 -19.08
CA THR A 112 11.91 15.93 -18.89
C THR A 112 10.63 16.14 -18.10
N VAL A 113 10.24 17.39 -17.90
CA VAL A 113 9.11 17.75 -17.08
C VAL A 113 8.83 19.24 -17.26
N VAL A 114 7.57 19.63 -17.12
CA VAL A 114 7.23 21.07 -17.06
C VAL A 114 7.24 21.44 -15.59
N GLU A 115 8.41 21.81 -15.12
CA GLU A 115 8.60 22.14 -13.71
C GLU A 115 8.35 23.62 -13.50
N PRO A 116 7.78 23.98 -12.36
CA PRO A 116 7.59 25.39 -12.02
C PRO A 116 8.69 25.89 -11.09
N TRP A 117 8.83 27.20 -10.98
CA TRP A 117 9.73 27.76 -9.97
C TRP A 117 9.33 27.29 -8.59
N LEU A 118 10.32 27.09 -7.75
CA LEU A 118 10.11 26.74 -6.36
C LEU A 118 9.01 27.57 -5.71
N GLY A 119 8.08 26.91 -5.02
CA GLY A 119 6.99 27.59 -4.33
C GLY A 119 5.64 27.22 -4.87
N PHE A 120 5.61 26.89 -6.14
CA PHE A 120 4.37 26.56 -6.85
C PHE A 120 3.60 25.34 -6.32
N TYR A 121 4.29 24.21 -6.17
CA TYR A 121 3.61 22.93 -5.93
C TYR A 121 2.84 22.87 -4.61
N PHE A 122 3.18 23.76 -3.67
CA PHE A 122 2.58 23.74 -2.34
C PHE A 122 2.00 25.09 -1.96
N ASP A 123 1.82 25.95 -2.96
CA ASP A 123 1.26 27.27 -2.75
C ASP A 123 -0.20 27.11 -2.32
N PRO A 124 -0.55 27.59 -1.11
CA PRO A 124 -1.91 27.37 -0.61
C PRO A 124 -2.97 28.16 -1.35
N ASP A 125 -2.57 29.20 -2.07
CA ASP A 125 -3.52 30.07 -2.77
C ASP A 125 -3.85 29.59 -4.18
N LEU A 126 -3.26 28.48 -4.60
CA LEU A 126 -3.57 27.87 -5.88
C LEU A 126 -4.71 26.86 -5.75
N LYS A 127 -5.70 26.98 -6.63
CA LYS A 127 -6.73 25.96 -6.74
C LYS A 127 -6.11 24.70 -7.34
N PRO A 128 -6.69 23.53 -7.05
CA PRO A 128 -6.18 22.28 -7.62
C PRO A 128 -5.97 22.33 -9.14
N GLU A 129 -6.89 22.92 -9.90
N GLU A 129 -6.86 22.93 -9.88
CA GLU A 129 -6.75 22.99 -11.35
CA GLU A 129 -6.73 22.98 -11.28
C GLU A 129 -5.45 23.66 -11.73
C GLU A 129 -5.43 23.65 -11.70
N ALA A 130 -5.10 24.71 -10.99
CA ALA A 130 -3.91 25.48 -11.28
C ALA A 130 -2.63 24.69 -10.99
N ARG A 131 -2.74 23.66 -10.15
N ARG A 131 -2.72 23.66 -10.14
CA ARG A 131 -1.60 22.81 -9.81
CA ARG A 131 -1.58 22.83 -9.82
C ARG A 131 -1.46 21.63 -10.77
C ARG A 131 -1.48 21.62 -10.74
N SER A 132 -2.32 21.57 -11.77
CA SER A 132 -2.37 20.43 -12.67
C SER A 132 -1.29 20.46 -13.72
N ASN A 133 -0.87 19.29 -14.17
CA ASN A 133 0.02 19.23 -15.30
C ASN A 133 -0.62 19.69 -16.60
N TYR A 134 -1.93 19.57 -16.71
CA TYR A 134 -2.65 20.14 -17.86
C TYR A 134 -2.37 21.63 -17.94
N ALA A 135 -2.52 22.33 -16.83
CA ALA A 135 -2.29 23.77 -16.81
C ALA A 135 -0.83 24.13 -17.10
N LEU A 136 0.11 23.38 -16.54
CA LEU A 136 1.51 23.64 -16.83
C LEU A 136 1.80 23.39 -18.30
N ARG A 137 1.27 22.32 -18.87
CA ARG A 137 1.47 22.04 -20.27
C ARG A 137 0.86 23.16 -21.12
N GLU A 138 -0.29 23.70 -20.71
CA GLU A 138 -0.88 24.78 -21.52
C GLU A 138 0.05 25.99 -21.62
N THR A 139 0.89 26.23 -20.62
CA THR A 139 1.80 27.36 -20.71
C THR A 139 2.80 27.13 -21.83
N VAL A 140 3.20 25.89 -22.05
CA VAL A 140 4.12 25.56 -23.12
C VAL A 140 3.42 25.69 -24.48
N LEU A 141 2.18 25.21 -24.57
CA LEU A 141 1.43 25.30 -25.81
C LEU A 141 1.20 26.76 -26.19
N ALA A 142 0.97 27.59 -25.19
CA ALA A 142 0.76 29.02 -25.42
C ALA A 142 2.05 29.65 -25.92
N ALA A 143 3.17 29.28 -25.31
CA ALA A 143 4.47 29.81 -25.73
C ALA A 143 4.70 29.47 -27.20
N ARG A 144 4.30 28.27 -27.60
CA ARG A 144 4.48 27.86 -28.98
C ARG A 144 3.59 28.65 -29.94
N ARG A 145 2.36 28.90 -29.54
CA ARG A 145 1.47 29.72 -30.40
C ARG A 145 2.01 31.13 -30.50
N ASN A 146 2.58 31.62 -29.41
CA ASN A 146 3.07 33.00 -29.37
C ASN A 146 4.31 33.19 -30.23
N LYS A 147 5.16 32.17 -30.29
CA LYS A 147 6.40 32.25 -31.06
CA LYS A 147 6.39 32.24 -31.06
C LYS A 147 6.62 30.95 -31.83
N PRO A 148 5.90 30.77 -32.93
CA PRO A 148 6.04 29.54 -33.70
C PRO A 148 7.40 29.45 -34.39
N GLY A 149 7.83 28.22 -34.67
CA GLY A 149 9.13 28.02 -35.26
C GLY A 149 10.25 28.48 -34.34
N GLY A 150 11.40 28.80 -34.94
CA GLY A 150 12.55 29.21 -34.16
C GLY A 150 13.35 27.99 -33.68
N THR A 151 14.31 28.25 -32.80
CA THR A 151 15.20 27.23 -32.29
C THR A 151 14.41 26.12 -31.58
N THR A 152 14.82 24.89 -31.85
CA THR A 152 14.17 23.73 -31.25
C THR A 152 14.34 23.70 -29.74
N ALA A 153 13.21 23.45 -29.08
CA ALA A 153 13.19 23.21 -27.64
C ALA A 153 12.28 22.05 -27.41
N VAL A 154 12.81 21.00 -26.78
CA VAL A 154 12.08 19.76 -26.56
C VAL A 154 11.57 19.69 -25.13
N SER A 155 10.25 19.70 -24.99
CA SER A 155 9.59 19.62 -23.69
C SER A 155 9.24 18.17 -23.35
N CYS A 156 9.58 17.78 -22.12
CA CYS A 156 9.14 16.50 -21.56
C CYS A 156 9.61 15.30 -22.36
N CYS A 157 10.93 15.18 -22.48
CA CYS A 157 11.55 14.10 -23.23
C CYS A 157 12.49 13.29 -22.33
N GLY A 158 11.86 12.63 -21.37
CA GLY A 158 12.50 11.58 -20.60
C GLY A 158 11.92 10.23 -20.99
N ALA A 159 11.85 9.32 -20.03
CA ALA A 159 11.25 8.02 -20.28
C ALA A 159 9.73 8.14 -20.37
N ASN A 160 9.16 8.86 -19.43
CA ASN A 160 7.72 9.00 -19.35
C ASN A 160 7.40 10.16 -18.44
N PRO A 161 7.07 11.32 -19.02
CA PRO A 161 6.89 11.58 -20.46
C PRO A 161 8.16 11.49 -21.26
N GLY A 162 7.99 11.14 -22.53
CA GLY A 162 9.06 11.16 -23.51
C GLY A 162 8.97 9.93 -24.39
N MET A 163 9.83 8.97 -24.08
CA MET A 163 9.89 7.71 -24.80
C MET A 163 8.54 7.04 -25.00
N VAL A 164 7.68 7.10 -24.00
CA VAL A 164 6.41 6.41 -24.14
C VAL A 164 5.56 6.95 -25.30
N SER A 165 5.76 8.20 -25.71
CA SER A 165 5.05 8.70 -26.89
C SER A 165 5.51 7.96 -28.14
N TRP A 166 6.79 7.63 -28.22
CA TRP A 166 7.33 6.87 -29.34
C TRP A 166 6.80 5.44 -29.29
N PHE A 167 6.74 4.86 -28.10
CA PHE A 167 6.16 3.53 -27.94
C PHE A 167 4.70 3.52 -28.40
N VAL A 168 3.92 4.56 -28.12
CA VAL A 168 2.52 4.57 -28.59
C VAL A 168 2.47 4.47 -30.10
N LYS A 169 3.33 5.23 -30.78
CA LYS A 169 3.34 5.18 -32.24
C LYS A 169 3.74 3.80 -32.73
N GLN A 170 4.76 3.21 -32.11
CA GLN A 170 5.18 1.89 -32.56
C GLN A 170 4.11 0.86 -32.27
N ALA A 171 3.45 1.01 -31.13
CA ALA A 171 2.39 0.08 -30.75
C ALA A 171 1.23 0.15 -31.73
N LEU A 172 0.87 1.36 -32.17
CA LEU A 172 -0.21 1.50 -33.15
C LEU A 172 0.14 0.82 -34.46
N VAL A 173 1.37 1.01 -34.93
CA VAL A 173 1.84 0.37 -36.15
C VAL A 173 1.81 -1.14 -36.01
N ASN A 174 2.21 -1.63 -34.85
CA ASN A 174 2.24 -3.06 -34.62
C ASN A 174 0.83 -3.64 -34.56
N LEU A 175 -0.08 -2.96 -33.87
CA LEU A 175 -1.46 -3.43 -33.81
C LEU A 175 -2.04 -3.56 -35.21
N ALA A 176 -1.82 -2.55 -36.04
CA ALA A 176 -2.32 -2.59 -37.41
C ALA A 176 -1.70 -3.76 -38.16
N ALA A 177 -0.39 -3.92 -38.05
CA ALA A 177 0.29 -5.02 -38.75
C ALA A 177 -0.24 -6.37 -38.27
N ASP A 178 -0.46 -6.51 -36.98
CA ASP A 178 -0.90 -7.77 -36.42
C ASP A 178 -2.32 -8.13 -36.82
N LEU A 179 -3.10 -7.13 -37.27
CA LEU A 179 -4.45 -7.36 -37.79
C LEU A 179 -4.45 -7.62 -39.30
N GLY A 180 -3.28 -7.57 -39.93
CA GLY A 180 -3.19 -7.74 -41.37
C GLY A 180 -3.44 -6.47 -42.17
N VAL A 181 -3.43 -5.33 -41.48
CA VAL A 181 -3.55 -4.04 -42.13
C VAL A 181 -2.17 -3.60 -42.58
N THR A 182 -2.00 -3.44 -43.89
CA THR A 182 -0.72 -3.05 -44.46
C THR A 182 -0.82 -1.65 -45.06
N GLY A 183 0.31 -1.07 -45.39
CA GLY A 183 0.33 0.15 -46.17
C GLY A 183 1.21 1.22 -45.57
N GLU A 184 0.96 2.46 -45.97
CA GLU A 184 1.75 3.58 -45.50
C GLU A 184 1.47 3.88 -44.02
N GLU A 185 2.54 3.94 -43.25
CA GLU A 185 2.49 4.40 -41.88
C GLU A 185 2.00 5.85 -41.84
N PRO A 186 1.29 6.24 -40.77
CA PRO A 186 0.88 7.65 -40.65
C PRO A 186 2.08 8.58 -40.66
N THR A 187 1.88 9.78 -41.17
CA THR A 187 2.94 10.78 -41.18
C THR A 187 2.53 11.99 -40.34
N THR A 188 1.28 12.38 -40.43
CA THR A 188 0.80 13.58 -39.76
C THR A 188 0.08 13.23 -38.45
N ARG A 189 -0.06 14.22 -37.59
CA ARG A 189 -0.79 14.06 -36.34
C ARG A 189 -2.19 13.51 -36.61
N GLU A 190 -2.85 14.10 -37.59
CA GLU A 190 -4.21 13.73 -37.89
C GLU A 190 -4.28 12.25 -38.30
N GLU A 191 -3.28 11.80 -39.05
CA GLU A 191 -3.25 10.40 -39.49
C GLU A 191 -3.01 9.46 -38.31
N TRP A 192 -2.15 9.85 -37.37
CA TRP A 192 -1.93 9.04 -36.17
C TRP A 192 -3.20 8.93 -35.35
N ALA A 193 -3.87 10.06 -35.15
CA ALA A 193 -5.11 10.08 -34.41
C ALA A 193 -6.16 9.16 -35.06
N ARG A 194 -6.26 9.24 -36.38
CA ARG A 194 -7.22 8.40 -37.10
C ARG A 194 -6.84 6.93 -37.02
N LEU A 195 -5.56 6.61 -36.98
CA LEU A 195 -5.16 5.22 -36.85
C LEU A 195 -5.64 4.68 -35.50
N ALA A 196 -5.44 5.44 -34.45
CA ALA A 196 -5.91 5.01 -33.14
C ALA A 196 -7.42 4.83 -33.12
N MET A 197 -8.13 5.79 -33.71
CA MET A 197 -9.59 5.71 -33.82
C MET A 197 -10.01 4.50 -34.62
N ASP A 198 -9.37 4.29 -35.75
CA ASP A 198 -9.79 3.25 -36.69
C ASP A 198 -9.54 1.87 -36.09
N LEU A 199 -8.44 1.73 -35.36
CA LEU A 199 -8.13 0.46 -34.69
C LEU A 199 -8.97 0.21 -33.45
N GLY A 200 -9.72 1.21 -32.99
CA GLY A 200 -10.59 1.04 -31.84
C GLY A 200 -9.85 1.11 -30.51
N VAL A 201 -8.79 1.90 -30.45
CA VAL A 201 -8.07 2.09 -29.19
C VAL A 201 -8.89 2.99 -28.27
N LYS A 202 -9.47 2.42 -27.23
CA LYS A 202 -10.28 3.18 -26.32
C LYS A 202 -9.44 4.02 -25.35
N GLY A 203 -8.32 3.43 -24.92
CA GLY A 203 -7.44 4.14 -24.02
C GLY A 203 -6.09 3.50 -23.94
N ILE A 204 -5.23 4.18 -23.17
CA ILE A 204 -3.84 3.82 -23.03
C ILE A 204 -3.41 4.02 -21.58
N HIS A 205 -2.83 3.01 -20.95
CA HIS A 205 -2.12 3.23 -19.69
C HIS A 205 -0.65 3.32 -19.97
N ILE A 206 0.00 4.25 -19.27
CA ILE A 206 1.44 4.20 -19.17
C ILE A 206 1.65 3.23 -18.02
N ALA A 207 1.96 2.00 -18.39
CA ALA A 207 1.87 0.86 -17.50
C ALA A 207 3.28 0.44 -17.10
N GLU A 208 3.63 0.73 -15.84
CA GLU A 208 4.99 0.59 -15.38
C GLU A 208 5.04 -0.24 -14.09
N ARG A 209 6.04 -1.12 -14.03
CA ARG A 209 6.34 -1.90 -12.83
C ARG A 209 7.84 -1.90 -12.64
N ASP A 210 8.26 -1.25 -11.56
CA ASP A 210 9.67 -1.22 -11.17
C ASP A 210 9.87 -2.29 -10.10
N THR A 211 10.72 -3.25 -10.40
CA THR A 211 10.98 -4.35 -9.46
C THR A 211 12.38 -4.27 -8.85
N GLN A 212 13.03 -3.14 -8.97
CA GLN A 212 14.34 -2.97 -8.35
C GLN A 212 14.24 -3.02 -6.80
N ARG A 213 15.17 -3.76 -6.21
CA ARG A 213 15.18 -4.02 -4.77
C ARG A 213 16.57 -3.73 -4.23
N ALA A 214 16.66 -3.23 -2.99
CA ALA A 214 17.96 -2.85 -2.45
C ALA A 214 18.53 -3.93 -1.55
N SER A 215 19.81 -3.78 -1.22
CA SER A 215 20.53 -4.76 -0.40
C SER A 215 20.27 -4.48 1.07
N PHE A 216 19.55 -3.42 1.37
CA PHE A 216 19.12 -3.12 2.72
C PHE A 216 17.63 -2.93 2.69
N PRO A 217 16.97 -3.26 3.79
CA PRO A 217 15.53 -3.06 3.84
C PRO A 217 15.16 -1.60 4.01
N LYS A 218 13.92 -1.26 3.70
CA LYS A 218 13.50 0.12 3.79
C LYS A 218 13.62 0.61 5.22
N PRO A 219 14.35 1.70 5.41
CA PRO A 219 14.44 2.26 6.75
C PRO A 219 13.18 3.01 7.16
N PHE A 220 12.83 2.93 8.44
CA PHE A 220 11.72 3.67 8.97
C PHE A 220 11.97 5.16 8.76
N ASP A 221 10.92 5.88 8.36
CA ASP A 221 10.96 7.32 8.23
C ASP A 221 12.02 7.78 7.22
N VAL A 222 12.17 6.99 6.17
CA VAL A 222 13.00 7.36 5.04
C VAL A 222 12.21 6.99 3.80
N PHE A 223 11.99 7.96 2.92
CA PHE A 223 11.34 7.71 1.64
C PHE A 223 12.42 7.18 0.70
N VAL A 224 12.16 6.05 0.04
CA VAL A 224 13.11 5.43 -0.85
C VAL A 224 12.49 5.34 -2.25
N ASN A 225 13.28 5.69 -3.27
CA ASN A 225 12.82 5.60 -4.65
C ASN A 225 14.02 5.33 -5.55
N THR A 226 13.75 5.03 -6.82
CA THR A 226 14.81 4.77 -7.79
C THR A 226 15.14 5.99 -8.66
N TRP A 227 14.44 7.08 -8.41
CA TRP A 227 14.69 8.36 -9.07
C TRP A 227 14.19 9.42 -8.09
N SER A 228 14.23 10.70 -8.48
CA SER A 228 13.89 11.80 -7.59
C SER A 228 12.81 11.47 -6.59
N VAL A 229 13.15 11.56 -5.30
CA VAL A 229 12.12 11.52 -4.27
C VAL A 229 11.34 12.83 -4.28
N GLU A 230 12.06 13.95 -4.35
CA GLU A 230 11.37 15.24 -4.34
C GLU A 230 10.40 15.33 -5.52
N GLY A 231 10.87 14.94 -6.70
CA GLY A 231 10.04 15.01 -7.89
C GLY A 231 8.87 14.05 -7.85
N PHE A 232 9.09 12.86 -7.31
CA PHE A 232 8.01 11.86 -7.24
C PHE A 232 6.95 12.33 -6.26
N VAL A 233 7.39 12.79 -5.11
CA VAL A 233 6.43 13.26 -4.12
C VAL A 233 5.66 14.47 -4.65
N SER A 234 6.34 15.41 -5.31
N SER A 234 6.35 15.38 -5.30
CA SER A 234 5.64 16.57 -5.85
CA SER A 234 5.70 16.54 -5.88
C SER A 234 4.55 16.16 -6.86
C SER A 234 4.57 16.16 -6.84
N GLU A 235 4.87 15.29 -7.80
CA GLU A 235 3.84 14.88 -8.74
C GLU A 235 2.77 14.02 -8.04
N GLY A 236 3.19 13.27 -7.04
CA GLY A 236 2.28 12.41 -6.30
C GLY A 236 1.24 13.18 -5.52
N LEU A 237 1.57 14.42 -5.15
CA LEU A 237 0.68 15.26 -4.38
C LEU A 237 -0.13 16.22 -5.26
N GLN A 238 0.22 16.33 -6.52
CA GLN A 238 -0.63 17.00 -7.50
C GLN A 238 -1.90 16.18 -7.70
N PRO A 239 -2.96 16.80 -8.20
CA PRO A 239 -4.19 16.05 -8.44
C PRO A 239 -3.94 14.84 -9.35
N ALA A 240 -4.65 13.76 -9.10
CA ALA A 240 -4.68 12.67 -10.08
C ALA A 240 -5.18 13.26 -11.38
N GLU A 241 -4.63 12.81 -12.50
CA GLU A 241 -4.95 13.47 -13.75
C GLU A 241 -4.89 12.49 -14.88
N LEU A 242 -5.73 12.68 -15.88
CA LEU A 242 -5.77 11.78 -17.01
C LEU A 242 -6.29 12.46 -18.26
N GLY A 243 -5.76 12.03 -19.38
CA GLY A 243 -6.37 12.32 -20.66
C GLY A 243 -7.66 11.53 -20.72
N TRP A 244 -8.71 12.16 -21.22
CA TRP A 244 -10.05 11.65 -21.02
C TRP A 244 -10.66 11.22 -22.34
N GLY A 245 -10.98 9.95 -22.44
CA GLY A 245 -11.41 9.38 -23.69
C GLY A 245 -12.87 9.60 -24.02
N THR A 246 -13.14 9.71 -25.30
CA THR A 246 -14.51 9.87 -25.74
C THR A 246 -15.39 8.67 -25.39
N PHE A 247 -14.79 7.49 -25.20
CA PHE A 247 -15.61 6.29 -24.93
C PHE A 247 -16.12 6.27 -23.50
N GLU A 248 -15.53 7.06 -22.62
CA GLU A 248 -15.88 6.99 -21.20
C GLU A 248 -17.31 7.44 -20.97
N ARG A 249 -18.01 6.72 -20.10
CA ARG A 249 -19.41 7.04 -19.80
C ARG A 249 -19.65 7.39 -18.33
N TRP A 250 -18.57 7.46 -17.55
CA TRP A 250 -18.65 7.75 -16.12
C TRP A 250 -17.37 8.42 -15.63
N MET A 251 -17.52 9.38 -14.72
CA MET A 251 -16.38 9.88 -13.97
C MET A 251 -16.79 10.09 -12.53
N PRO A 252 -15.82 10.11 -11.62
CA PRO A 252 -16.12 10.31 -10.20
C PRO A 252 -16.74 11.67 -9.93
N ASP A 253 -17.47 11.75 -8.84
CA ASP A 253 -18.06 13.02 -8.43
C ASP A 253 -17.01 14.10 -8.26
N ASN A 254 -15.80 13.71 -7.85
CA ASN A 254 -14.73 14.68 -7.60
C ASN A 254 -13.82 14.90 -8.80
N ALA A 255 -14.28 14.48 -9.96
CA ALA A 255 -13.58 14.77 -11.22
C ALA A 255 -14.00 16.13 -11.74
N ARG A 256 -13.05 16.81 -12.36
CA ARG A 256 -13.27 18.13 -12.92
C ARG A 256 -12.56 18.26 -14.26
N GLY A 257 -13.13 19.09 -15.14
CA GLY A 257 -12.55 19.39 -16.42
C GLY A 257 -11.84 20.74 -16.38
N HIS A 258 -11.64 21.32 -17.55
CA HIS A 258 -10.95 22.60 -17.68
C HIS A 258 -11.74 23.52 -18.61
N ASP A 259 -11.77 24.80 -18.28
CA ASP A 259 -12.49 25.77 -19.10
C ASP A 259 -11.83 26.01 -20.44
N SER A 260 -10.51 25.85 -20.46
CA SER A 260 -9.70 26.30 -21.57
C SER A 260 -8.69 25.24 -21.90
N GLY A 261 -7.91 25.53 -22.94
CA GLY A 261 -6.84 24.65 -23.34
C GLY A 261 -7.22 23.64 -24.38
N CYS A 262 -6.40 22.58 -24.50
CA CYS A 262 -6.55 21.66 -25.61
C CYS A 262 -7.80 20.79 -25.50
N GLY A 263 -8.35 20.66 -24.29
CA GLY A 263 -9.62 19.99 -24.10
C GLY A 263 -9.53 18.52 -23.72
N ALA A 264 -8.31 18.02 -23.55
CA ALA A 264 -8.11 16.57 -23.47
C ALA A 264 -8.08 15.98 -22.08
N GLY A 265 -8.24 16.79 -21.04
CA GLY A 265 -7.96 16.33 -19.69
C GLY A 265 -9.07 16.44 -18.68
N ILE A 266 -9.02 15.57 -17.68
CA ILE A 266 -9.73 15.79 -16.43
C ILE A 266 -8.74 15.60 -15.29
N TYR A 267 -9.14 16.04 -14.11
CA TYR A 267 -8.35 15.81 -12.92
C TYR A 267 -9.30 15.45 -11.80
N LEU A 268 -8.77 14.79 -10.77
CA LEU A 268 -9.57 14.41 -9.61
C LEU A 268 -9.09 15.22 -8.42
N LEU A 269 -10.03 15.58 -7.54
CA LEU A 269 -9.68 16.37 -6.37
C LEU A 269 -9.10 15.51 -5.23
N GLN A 270 -8.01 14.83 -5.55
CA GLN A 270 -7.31 13.99 -4.59
C GLN A 270 -5.90 13.74 -5.16
N PRO A 271 -4.93 13.45 -4.29
CA PRO A 271 -3.56 13.29 -4.74
C PRO A 271 -3.37 12.00 -5.54
N GLY A 272 -2.66 12.10 -6.66
CA GLY A 272 -2.54 10.95 -7.54
C GLY A 272 -1.76 9.79 -6.94
N ALA A 273 -0.79 10.06 -6.06
CA ALA A 273 -0.02 8.96 -5.48
C ALA A 273 -0.80 8.21 -4.41
N ASN A 274 -1.97 8.71 -4.05
CA ASN A 274 -2.87 7.96 -3.16
C ASN A 274 -4.16 7.62 -3.90
N THR A 275 -4.06 7.45 -5.22
CA THR A 275 -5.17 7.02 -6.05
C THR A 275 -4.69 5.79 -6.81
N ARG A 276 -5.46 4.71 -6.75
CA ARG A 276 -5.08 3.43 -7.36
C ARG A 276 -5.98 3.13 -8.55
N VAL A 277 -5.38 2.52 -9.56
CA VAL A 277 -6.06 2.02 -10.74
C VAL A 277 -5.63 0.59 -11.00
N ARG A 278 -6.55 -0.18 -11.55
CA ARG A 278 -6.28 -1.55 -11.98
C ARG A 278 -5.63 -1.53 -13.36
N SER A 279 -4.47 -2.16 -13.45
CA SER A 279 -3.73 -2.20 -14.69
C SER A 279 -2.94 -3.50 -14.80
N TRP A 280 -1.98 -3.53 -15.72
CA TRP A 280 -1.35 -4.78 -16.11
C TRP A 280 -0.05 -4.49 -16.83
N THR A 281 0.99 -5.26 -16.49
CA THR A 281 2.20 -5.32 -17.30
C THR A 281 2.63 -6.77 -17.44
N PRO A 282 3.56 -7.04 -18.36
CA PRO A 282 3.85 -8.46 -18.60
C PRO A 282 4.46 -9.17 -17.41
N THR A 283 5.30 -8.48 -16.63
CA THR A 283 5.96 -9.10 -15.50
C THR A 283 5.08 -9.03 -14.26
N ALA A 284 4.34 -7.94 -14.10
CA ALA A 284 3.45 -7.81 -12.95
C ALA A 284 2.17 -8.64 -13.08
N MET A 285 1.79 -8.90 -14.32
N MET A 285 1.80 -8.90 -14.32
CA MET A 285 0.42 -9.29 -14.63
CA MET A 285 0.44 -9.28 -14.66
C MET A 285 -0.51 -8.24 -14.02
C MET A 285 -0.51 -8.24 -14.02
N ALA A 286 -1.67 -8.64 -13.52
CA ALA A 286 -2.59 -7.66 -12.97
C ALA A 286 -2.00 -7.03 -11.73
N GLN A 287 -2.07 -5.69 -11.66
CA GLN A 287 -1.50 -4.97 -10.51
C GLN A 287 -2.25 -3.67 -10.30
N TYR A 288 -2.09 -3.09 -9.12
CA TYR A 288 -2.46 -1.70 -8.93
C TYR A 288 -1.34 -0.80 -9.43
N GLY A 289 -1.74 0.26 -10.12
CA GLY A 289 -0.86 1.38 -10.38
C GLY A 289 -1.38 2.56 -9.60
N PHE A 290 -0.52 3.53 -9.35
CA PHE A 290 -0.95 4.82 -8.82
C PHE A 290 -1.20 5.78 -9.98
N LEU A 291 -2.29 6.53 -9.86
CA LEU A 291 -2.74 7.43 -10.92
C LEU A 291 -2.07 8.80 -10.78
N VAL A 292 -0.75 8.79 -10.89
CA VAL A 292 0.04 9.97 -10.72
C VAL A 292 -0.01 10.79 -12.02
N THR A 293 -0.21 12.09 -11.86
CA THR A 293 -0.29 12.95 -13.02
C THR A 293 1.04 13.00 -13.78
N HIS A 294 0.95 13.07 -15.09
CA HIS A 294 2.09 13.07 -15.97
C HIS A 294 1.72 13.86 -17.21
N ASN A 295 2.71 14.55 -17.76
CA ASN A 295 2.49 15.35 -18.96
C ASN A 295 1.92 14.53 -20.12
N GLU A 296 2.39 13.30 -20.29
CA GLU A 296 2.02 12.53 -21.47
C GLU A 296 0.59 12.04 -21.37
N SER A 297 0.03 11.98 -20.17
CA SER A 297 -1.37 11.60 -20.03
C SER A 297 -2.22 12.56 -20.86
N ILE A 298 -1.85 13.84 -20.81
CA ILE A 298 -2.55 14.84 -21.60
C ILE A 298 -2.00 14.89 -23.02
N SER A 299 -0.68 14.88 -23.19
CA SER A 299 -0.12 15.11 -24.52
C SER A 299 -0.47 14.00 -25.51
N ILE A 300 -0.51 12.75 -25.05
CA ILE A 300 -0.83 11.64 -25.93
C ILE A 300 -2.30 11.67 -26.29
N ALA A 301 -3.17 11.95 -25.33
CA ALA A 301 -4.60 12.02 -25.59
C ALA A 301 -4.88 13.16 -26.57
N ASP A 302 -4.21 14.29 -26.37
CA ASP A 302 -4.36 15.44 -27.28
C ASP A 302 -3.85 15.06 -28.66
N PHE A 303 -2.67 14.48 -28.73
CA PHE A 303 -2.10 14.10 -30.01
C PHE A 303 -3.03 13.20 -30.82
N LEU A 304 -3.69 12.26 -30.16
CA LEU A 304 -4.52 11.28 -30.81
C LEU A 304 -6.00 11.67 -30.89
N THR A 305 -6.27 12.96 -30.79
CA THR A 305 -7.64 13.48 -30.91
C THR A 305 -8.01 13.71 -32.37
N VAL A 306 -9.17 13.19 -32.75
CA VAL A 306 -9.76 13.44 -34.07
C VAL A 306 -10.92 14.36 -33.83
N ARG A 307 -10.97 15.45 -34.62
CA ARG A 307 -12.05 16.42 -34.54
C ARG A 307 -12.88 16.43 -35.83
N ASP A 308 -14.12 16.84 -35.71
CA ASP A 308 -14.97 17.00 -36.88
C ASP A 308 -14.75 18.37 -37.50
N ALA A 309 -15.46 18.67 -38.58
CA ALA A 309 -15.28 19.93 -39.30
C ALA A 309 -15.49 21.14 -38.41
N ALA A 310 -16.40 21.03 -37.45
CA ALA A 310 -16.69 22.12 -36.55
C ALA A 310 -15.64 22.26 -35.43
N GLY A 311 -14.70 21.32 -35.39
CA GLY A 311 -13.62 21.37 -34.41
C GLY A 311 -13.95 20.65 -33.11
N GLN A 312 -15.07 19.95 -33.06
CA GLN A 312 -15.44 19.20 -31.88
C GLN A 312 -14.67 17.88 -31.87
N ALA A 313 -14.14 17.50 -30.71
CA ALA A 313 -13.51 16.20 -30.57
C ALA A 313 -14.54 15.10 -30.77
N VAL A 314 -14.29 14.19 -31.71
CA VAL A 314 -15.17 13.05 -31.87
C VAL A 314 -14.51 11.74 -31.45
N TYR A 315 -13.18 11.73 -31.38
CA TYR A 315 -12.45 10.59 -30.84
C TYR A 315 -11.24 11.10 -30.07
N ARG A 316 -11.00 10.49 -28.92
CA ARG A 316 -9.82 10.74 -28.13
C ARG A 316 -9.67 9.53 -27.23
N PRO A 317 -8.44 9.02 -27.04
CA PRO A 317 -8.27 7.92 -26.10
C PRO A 317 -8.14 8.44 -24.67
N THR A 318 -8.60 7.65 -23.71
CA THR A 318 -8.19 7.88 -22.33
C THR A 318 -6.68 7.61 -22.26
N CYS A 319 -5.97 8.37 -21.44
CA CYS A 319 -4.54 8.14 -21.27
C CYS A 319 -4.12 8.55 -19.88
N HIS A 320 -3.53 7.62 -19.15
CA HIS A 320 -2.96 7.99 -17.86
C HIS A 320 -1.91 7.01 -17.37
N TYR A 321 -1.18 7.49 -16.39
CA TYR A 321 -0.17 6.69 -15.70
C TYR A 321 -0.85 5.65 -14.81
N ALA A 322 -0.24 4.47 -14.78
CA ALA A 322 -0.65 3.40 -13.87
C ALA A 322 0.67 2.87 -13.31
N TYR A 323 1.19 3.56 -12.31
CA TYR A 323 2.57 3.35 -11.85
C TYR A 323 2.65 2.45 -10.63
N HIS A 324 3.35 1.34 -10.79
CA HIS A 324 3.75 0.55 -9.62
C HIS A 324 5.25 0.75 -9.48
N PRO A 325 5.64 1.62 -8.56
CA PRO A 325 7.06 1.87 -8.34
C PRO A 325 7.70 0.72 -7.57
N CYS A 326 8.97 0.86 -7.24
CA CYS A 326 9.64 -0.21 -6.55
C CYS A 326 8.96 -0.46 -5.19
N ASN A 327 9.16 -1.67 -4.68
CA ASN A 327 8.53 -2.03 -3.42
C ASN A 327 8.80 -1.03 -2.30
N ASP A 328 10.03 -0.55 -2.21
CA ASP A 328 10.34 0.37 -1.14
C ASP A 328 9.65 1.71 -1.31
N ALA A 329 9.39 2.10 -2.56
CA ALA A 329 8.58 3.28 -2.85
C ALA A 329 7.10 3.08 -2.50
N VAL A 330 6.59 1.88 -2.76
CA VAL A 330 5.23 1.54 -2.34
C VAL A 330 5.12 1.69 -0.82
N LEU A 331 6.09 1.14 -0.10
CA LEU A 331 6.08 1.28 1.35
C LEU A 331 6.23 2.73 1.77
N SER A 332 7.04 3.47 1.01
CA SER A 332 7.26 4.89 1.33
C SER A 332 5.98 5.72 1.18
N LEU A 333 5.17 5.40 0.18
CA LEU A 333 3.91 6.10 -0.01
C LEU A 333 2.93 5.78 1.12
N HIS A 334 2.88 4.51 1.47
CA HIS A 334 2.00 4.07 2.56
C HIS A 334 2.40 4.77 3.86
N GLU A 335 3.70 4.89 4.10
CA GLU A 335 4.22 5.59 5.27
C GLU A 335 3.89 7.08 5.25
N MET A 336 4.12 7.71 4.11
CA MET A 336 3.94 9.14 3.99
C MET A 336 2.46 9.52 4.11
N PHE A 337 1.61 8.89 3.32
CA PHE A 337 0.19 9.21 3.38
C PHE A 337 -0.40 8.81 4.74
N GLY A 338 0.10 7.74 5.32
CA GLY A 338 -0.37 7.30 6.62
C GLY A 338 0.03 8.24 7.74
N SER A 339 1.18 8.89 7.59
N SER A 339 1.16 8.91 7.57
N SER A 339 1.16 8.90 7.59
CA SER A 339 1.67 9.84 8.57
CA SER A 339 1.67 9.84 8.57
CA SER A 339 1.63 9.84 8.61
C SER A 339 1.05 11.22 8.35
C SER A 339 1.08 11.22 8.34
C SER A 339 1.06 11.23 8.35
N GLY A 340 0.71 11.50 7.09
CA GLY A 340 0.20 12.81 6.71
C GLY A 340 1.29 13.82 6.49
N LYS A 341 2.54 13.37 6.41
CA LYS A 341 3.66 14.27 6.18
C LYS A 341 4.82 13.53 5.55
N ARG A 342 5.66 14.28 4.87
CA ARG A 342 6.89 13.74 4.31
C ARG A 342 7.79 13.19 5.40
N GLN A 343 8.42 12.08 5.09
CA GLN A 343 9.43 11.49 5.97
C GLN A 343 10.54 12.50 6.27
N SER A 344 11.24 12.27 7.38
CA SER A 344 12.37 13.12 7.80
C SER A 344 13.53 13.11 6.82
N ASP A 345 13.65 12.03 6.05
CA ASP A 345 14.81 11.82 5.20
C ASP A 345 14.38 11.02 3.98
N TRP A 346 15.24 10.99 2.98
CA TRP A 346 14.97 10.22 1.79
C TRP A 346 16.26 9.78 1.14
N ARG A 347 16.15 8.80 0.25
CA ARG A 347 17.31 8.38 -0.50
C ARG A 347 16.87 7.76 -1.83
N ILE A 348 17.74 7.89 -2.81
CA ILE A 348 17.54 7.34 -4.13
C ILE A 348 18.49 6.17 -4.25
N LEU A 349 17.96 5.02 -4.62
CA LEU A 349 18.78 3.82 -4.76
C LEU A 349 19.81 3.93 -5.87
N ASP A 350 21.07 3.73 -5.49
CA ASP A 350 22.18 3.68 -6.42
C ASP A 350 22.26 2.29 -7.01
N GLU A 351 22.87 2.17 -8.19
CA GLU A 351 23.01 0.87 -8.78
C GLU A 351 23.80 -0.06 -7.85
N THR A 352 24.74 0.49 -7.09
CA THR A 352 25.56 -0.34 -6.19
C THR A 352 24.74 -0.89 -5.04
N GLU A 353 23.56 -0.33 -4.80
CA GLU A 353 22.69 -0.75 -3.72
C GLU A 353 21.60 -1.71 -4.19
N ILE A 354 21.42 -1.85 -5.49
CA ILE A 354 20.32 -2.62 -6.01
C ILE A 354 20.76 -4.05 -6.26
N VAL A 355 20.04 -5.00 -5.68
CA VAL A 355 20.40 -6.42 -5.79
C VAL A 355 19.89 -7.09 -7.06
N ASP A 356 18.74 -6.63 -7.56
CA ASP A 356 18.19 -7.16 -8.77
C ASP A 356 16.99 -6.31 -9.20
N GLY A 357 16.39 -6.67 -10.31
CA GLY A 357 15.17 -6.03 -10.78
C GLY A 357 15.27 -5.32 -12.10
N ILE A 358 14.10 -4.88 -12.55
CA ILE A 358 13.94 -4.22 -13.84
C ILE A 358 13.04 -3.00 -13.66
N ASP A 359 13.09 -2.12 -14.66
CA ASP A 359 12.08 -1.10 -14.78
C ASP A 359 11.28 -1.41 -16.02
N GLU A 360 10.15 -2.05 -15.79
CA GLU A 360 9.31 -2.43 -16.89
C GLU A 360 8.37 -1.30 -17.21
N LEU A 361 8.60 -0.65 -18.35
CA LEU A 361 7.90 0.58 -18.67
C LEU A 361 7.43 0.51 -20.10
N GLY A 362 6.12 0.62 -20.26
CA GLY A 362 5.53 0.54 -21.57
C GLY A 362 4.18 1.17 -21.61
N VAL A 363 3.55 1.00 -22.77
CA VAL A 363 2.22 1.52 -22.99
C VAL A 363 1.27 0.37 -23.24
N LEU A 364 0.13 0.44 -22.58
CA LEU A 364 -0.90 -0.59 -22.64
C LEU A 364 -2.08 0.01 -23.39
N LEU A 365 -2.22 -0.39 -24.65
CA LEU A 365 -3.30 0.07 -25.49
C LEU A 365 -4.43 -0.91 -25.38
N TYR A 366 -5.63 -0.43 -25.06
CA TYR A 366 -6.75 -1.33 -24.84
C TYR A 366 -8.01 -0.93 -25.57
N GLY A 367 -8.90 -1.90 -25.70
CA GLY A 367 -10.23 -1.67 -26.27
C GLY A 367 -10.40 -2.12 -27.71
N HIS A 368 -9.27 -2.39 -28.36
CA HIS A 368 -9.25 -2.80 -29.75
C HIS A 368 -9.58 -4.29 -29.84
N GLY A 369 -9.52 -4.84 -31.03
CA GLY A 369 -9.97 -6.19 -31.25
C GLY A 369 -9.20 -7.29 -30.53
N LYS A 370 -7.95 -7.01 -30.14
CA LYS A 370 -7.14 -7.99 -29.43
C LYS A 370 -7.06 -7.63 -27.93
N ASN A 371 -8.03 -6.86 -27.49
CA ASN A 371 -8.24 -6.46 -26.11
C ASN A 371 -7.19 -5.50 -25.53
N ALA A 372 -5.98 -5.99 -25.32
CA ALA A 372 -4.94 -5.15 -24.73
C ALA A 372 -3.59 -5.60 -25.22
N TYR A 373 -2.73 -4.61 -25.45
CA TYR A 373 -1.40 -4.83 -25.97
C TYR A 373 -0.45 -3.91 -25.21
N TRP A 374 0.59 -4.49 -24.63
CA TRP A 374 1.60 -3.72 -23.90
C TRP A 374 2.87 -3.72 -24.72
N TYR A 375 3.41 -2.54 -24.95
CA TYR A 375 4.65 -2.41 -25.71
C TYR A 375 5.63 -1.54 -24.93
N GLY A 376 6.83 -2.06 -24.71
CA GLY A 376 7.81 -1.27 -23.98
C GLY A 376 9.04 -2.03 -23.57
N SER A 377 9.77 -1.40 -22.65
CA SER A 377 11.08 -1.84 -22.23
C SER A 377 11.06 -2.65 -20.95
N GLN A 378 11.93 -3.66 -20.90
CA GLN A 378 12.08 -4.48 -19.70
C GLN A 378 13.50 -4.43 -19.16
N LEU A 379 14.11 -3.26 -19.28
CA LEU A 379 15.49 -3.08 -18.93
C LEU A 379 15.81 -3.49 -17.49
N SER A 380 16.81 -4.36 -17.35
CA SER A 380 17.22 -4.85 -16.05
C SER A 380 18.40 -4.06 -15.51
N ILE A 381 18.59 -4.12 -14.20
CA ILE A 381 19.72 -3.47 -13.57
C ILE A 381 21.03 -4.10 -14.04
N GLU A 382 21.03 -5.41 -14.26
CA GLU A 382 22.28 -6.04 -14.66
C GLU A 382 22.70 -5.59 -16.06
N GLU A 383 21.74 -5.49 -16.97
CA GLU A 383 22.08 -4.99 -18.31
C GLU A 383 22.52 -3.53 -18.25
N THR A 384 21.82 -2.74 -17.44
CA THR A 384 22.17 -1.35 -17.26
C THR A 384 23.64 -1.20 -16.94
N ARG A 385 24.11 -1.96 -15.96
CA ARG A 385 25.48 -1.81 -15.50
C ARG A 385 26.49 -2.15 -16.58
N ARG A 386 26.11 -3.03 -17.49
CA ARG A 386 26.99 -3.42 -18.59
C ARG A 386 27.17 -2.32 -19.61
N ILE A 387 26.16 -1.46 -19.77
CA ILE A 387 26.11 -0.57 -20.93
C ILE A 387 26.18 0.92 -20.63
N ALA A 388 25.97 1.33 -19.39
CA ALA A 388 26.04 2.74 -19.04
C ALA A 388 26.31 2.90 -17.56
N PRO A 389 27.22 3.82 -17.20
CA PRO A 389 27.60 3.99 -15.80
C PRO A 389 26.72 4.95 -15.02
N ASP A 390 26.85 4.93 -13.70
CA ASP A 390 26.33 5.95 -12.80
C ASP A 390 24.83 6.07 -12.75
N GLN A 391 24.15 4.97 -13.03
CA GLN A 391 22.69 4.98 -12.98
C GLN A 391 22.11 3.60 -12.83
N ASN A 392 20.84 3.58 -12.40
CA ASN A 392 20.08 2.34 -12.33
C ASN A 392 19.19 2.24 -13.58
N ALA A 393 18.33 1.22 -13.63
CA ALA A 393 17.55 0.97 -14.83
C ALA A 393 16.54 2.09 -15.07
N THR A 394 16.01 2.64 -13.98
CA THR A 394 15.07 3.75 -14.10
C THR A 394 15.78 4.92 -14.76
N GLY A 395 16.96 5.22 -14.25
CA GLY A 395 17.73 6.33 -14.76
C GLY A 395 18.08 6.18 -16.22
N LEU A 396 18.47 4.98 -16.63
CA LEU A 396 18.95 4.79 -17.99
C LEU A 396 17.85 4.94 -19.02
N GLN A 397 16.63 4.57 -18.70
CA GLN A 397 15.54 4.79 -19.64
C GLN A 397 15.33 6.28 -19.86
N VAL A 398 15.53 7.06 -18.81
CA VAL A 398 15.33 8.50 -18.91
C VAL A 398 16.50 9.17 -19.61
N SER A 399 17.72 8.83 -19.21
CA SER A 399 18.89 9.49 -19.75
C SER A 399 19.04 9.18 -21.25
N SER A 400 18.72 7.94 -21.63
CA SER A 400 18.81 7.56 -23.04
C SER A 400 17.74 8.27 -23.87
N ALA A 401 16.61 8.59 -23.24
CA ALA A 401 15.57 9.35 -23.93
C ALA A 401 16.03 10.79 -24.12
N VAL A 402 16.70 11.37 -23.13
CA VAL A 402 17.25 12.71 -23.27
C VAL A 402 18.28 12.70 -24.38
N LEU A 403 19.12 11.68 -24.42
CA LEU A 403 20.08 11.52 -25.52
C LEU A 403 19.37 11.52 -26.86
N ALA A 404 18.30 10.74 -26.98
CA ALA A 404 17.60 10.67 -28.26
C ALA A 404 17.00 12.02 -28.64
N GLY A 405 16.45 12.73 -27.68
CA GLY A 405 15.87 14.03 -27.95
C GLY A 405 16.93 15.03 -28.33
N MET A 406 18.09 14.93 -27.73
CA MET A 406 19.17 15.84 -28.06
C MET A 406 19.63 15.56 -29.49
N VAL A 407 19.75 14.30 -29.86
CA VAL A 407 20.12 13.98 -31.23
C VAL A 407 19.07 14.56 -32.17
N TRP A 408 17.81 14.33 -31.86
CA TRP A 408 16.76 14.82 -32.74
C TRP A 408 16.82 16.34 -32.86
N ALA A 409 17.00 17.02 -31.75
CA ALA A 409 17.05 18.48 -31.78
C ALA A 409 18.22 19.00 -32.60
N LEU A 410 19.37 18.38 -32.48
CA LEU A 410 20.54 18.78 -33.27
C LEU A 410 20.28 18.53 -34.74
N GLU A 411 19.57 17.45 -35.05
CA GLU A 411 19.26 17.06 -36.44
C GLU A 411 18.13 17.91 -37.01
N ASN A 412 17.28 18.45 -36.14
CA ASN A 412 16.12 19.25 -36.54
C ASN A 412 16.14 20.50 -35.68
N PRO A 413 17.08 21.43 -35.93
CA PRO A 413 17.33 22.49 -34.97
C PRO A 413 16.47 23.73 -35.13
N ASN A 414 15.58 23.73 -36.12
CA ASN A 414 14.73 24.87 -36.41
C ASN A 414 13.26 24.53 -36.30
N ALA A 415 12.93 23.62 -35.40
CA ALA A 415 11.59 23.05 -35.31
C ALA A 415 10.68 23.72 -34.28
N GLY A 416 11.20 24.69 -33.54
CA GLY A 416 10.43 25.35 -32.51
C GLY A 416 10.22 24.47 -31.27
N ILE A 417 9.26 24.88 -30.47
CA ILE A 417 8.89 24.14 -29.27
C ILE A 417 8.17 22.86 -29.68
N VAL A 418 8.69 21.72 -29.24
CA VAL A 418 8.13 20.43 -29.63
C VAL A 418 7.98 19.54 -28.41
N GLU A 419 6.96 18.69 -28.46
CA GLU A 419 6.76 17.65 -27.47
C GLU A 419 7.32 16.34 -28.00
N ALA A 420 7.40 15.33 -27.14
CA ALA A 420 7.90 14.03 -27.58
C ALA A 420 7.03 13.47 -28.71
N ASP A 421 5.75 13.83 -28.69
CA ASP A 421 4.81 13.41 -29.72
C ASP A 421 5.09 14.01 -31.09
N ASP A 422 5.89 15.07 -31.14
CA ASP A 422 6.19 15.78 -32.38
C ASP A 422 7.45 15.26 -33.05
N LEU A 423 8.28 14.52 -32.32
CA LEU A 423 9.55 14.07 -32.86
C LEU A 423 9.37 12.88 -33.78
N ASP A 424 10.39 12.60 -34.58
CA ASP A 424 10.42 11.41 -35.42
C ASP A 424 10.65 10.21 -34.51
N PHE A 425 9.60 9.44 -34.28
CA PHE A 425 9.67 8.37 -33.28
C PHE A 425 10.64 7.29 -33.69
N ARG A 426 10.75 7.03 -34.99
CA ARG A 426 11.67 6.00 -35.43
C ARG A 426 13.13 6.40 -35.20
N ARG A 427 13.47 7.65 -35.51
CA ARG A 427 14.83 8.11 -35.28
C ARG A 427 15.16 8.10 -33.78
N CYS A 428 14.22 8.59 -32.98
CA CYS A 428 14.45 8.63 -31.54
C CYS A 428 14.64 7.23 -30.98
N LEU A 429 13.78 6.28 -31.34
CA LEU A 429 13.96 4.91 -30.87
C LEU A 429 15.23 4.25 -31.41
N GLU A 430 15.66 4.61 -32.61
CA GLU A 430 16.91 4.08 -33.13
C GLU A 430 18.07 4.48 -32.22
N VAL A 431 18.06 5.72 -31.76
CA VAL A 431 19.12 6.20 -30.88
C VAL A 431 18.97 5.56 -29.49
N GLN A 432 17.74 5.47 -29.02
CA GLN A 432 17.52 5.03 -27.63
C GLN A 432 17.64 3.52 -27.38
N THR A 433 17.29 2.74 -28.37
CA THR A 433 17.10 1.31 -28.19
C THR A 433 18.31 0.55 -27.65
N PRO A 434 19.54 0.94 -27.99
CA PRO A 434 20.68 0.26 -27.38
C PRO A 434 20.71 0.32 -25.86
N TYR A 435 19.91 1.20 -25.26
CA TYR A 435 19.87 1.36 -23.80
C TYR A 435 18.57 0.88 -23.15
N LEU A 436 17.72 0.20 -23.90
CA LEU A 436 16.40 -0.16 -23.41
C LEU A 436 16.21 -1.64 -23.05
N GLY A 437 17.24 -2.45 -23.24
CA GLY A 437 17.08 -3.87 -22.94
C GLY A 437 16.06 -4.49 -23.85
N PRO A 438 15.38 -5.55 -23.39
CA PRO A 438 14.32 -6.13 -24.22
C PRO A 438 13.19 -5.13 -24.42
N VAL A 439 12.82 -4.94 -25.69
CA VAL A 439 11.67 -4.13 -26.02
C VAL A 439 10.69 -5.03 -26.72
N VAL A 440 9.51 -5.22 -26.12
CA VAL A 440 8.61 -6.28 -26.56
C VAL A 440 7.18 -5.80 -26.58
N GLY A 441 6.38 -6.44 -27.43
CA GLY A 441 4.94 -6.23 -27.46
C GLY A 441 4.23 -7.52 -27.07
N VAL A 442 3.31 -7.42 -26.13
CA VAL A 442 2.64 -8.57 -25.52
C VAL A 442 1.15 -8.31 -25.48
N TYR A 443 0.35 -9.22 -26.03
CA TYR A 443 -1.09 -9.14 -25.88
C TYR A 443 -1.54 -9.83 -24.61
N THR A 444 -2.65 -9.39 -24.05
CA THR A 444 -3.25 -10.09 -22.94
C THR A 444 -4.76 -10.05 -23.05
N ASP A 445 -5.40 -11.07 -22.48
CA ASP A 445 -6.85 -11.08 -22.38
C ASP A 445 -7.34 -10.57 -21.04
N TRP A 446 -6.42 -10.16 -20.18
CA TRP A 446 -6.83 -9.53 -18.92
C TRP A 446 -7.63 -8.26 -19.18
N THR A 447 -8.65 -8.04 -18.36
CA THR A 447 -9.34 -6.75 -18.31
C THR A 447 -9.58 -6.38 -16.86
N PRO A 448 -9.91 -5.11 -16.59
CA PRO A 448 -10.21 -4.67 -15.24
C PRO A 448 -11.34 -5.42 -14.56
N LEU A 449 -12.13 -6.17 -15.32
CA LEU A 449 -13.26 -6.90 -14.71
C LEU A 449 -12.92 -8.33 -14.36
N ALA A 450 -11.68 -8.74 -14.61
CA ALA A 450 -11.28 -10.10 -14.24
C ALA A 450 -11.59 -10.36 -12.77
N GLY A 451 -12.34 -11.43 -12.55
CA GLY A 451 -12.64 -11.88 -11.20
C GLY A 451 -13.71 -11.08 -10.50
N ARG A 452 -14.35 -10.16 -11.21
CA ARG A 452 -15.34 -9.29 -10.60
C ARG A 452 -16.71 -9.51 -11.18
N PRO A 453 -17.77 -9.25 -10.39
CA PRO A 453 -17.66 -8.81 -8.99
C PRO A 453 -17.26 -9.93 -8.05
N GLY A 454 -16.67 -9.58 -6.93
CA GLY A 454 -16.36 -10.53 -5.88
C GLY A 454 -17.55 -10.62 -4.95
N LEU A 455 -17.30 -10.73 -3.66
CA LEU A 455 -18.38 -10.99 -2.73
C LEU A 455 -19.01 -9.72 -2.17
N PHE A 456 -18.64 -8.56 -2.69
CA PHE A 456 -19.30 -7.32 -2.29
C PHE A 456 -19.92 -6.65 -3.51
N PRO A 457 -21.03 -5.91 -3.32
CA PRO A 457 -21.57 -5.15 -4.43
C PRO A 457 -20.55 -4.17 -4.95
N GLU A 458 -20.44 -4.04 -6.27
CA GLU A 458 -19.69 -2.92 -6.78
C GLU A 458 -20.31 -2.36 -8.03
N ASP A 459 -20.01 -1.10 -8.26
CA ASP A 459 -20.49 -0.40 -9.42
C ASP A 459 -19.53 -0.61 -10.58
N ILE A 460 -19.91 -1.50 -11.47
CA ILE A 460 -19.10 -1.84 -12.63
C ILE A 460 -19.96 -1.80 -13.88
N ASP A 461 -19.29 -1.63 -15.02
CA ASP A 461 -19.92 -1.62 -16.32
C ASP A 461 -19.46 -2.87 -17.07
N THR A 462 -20.29 -3.90 -17.08
CA THR A 462 -19.90 -5.17 -17.68
C THR A 462 -19.95 -5.15 -19.20
N SER A 463 -20.54 -4.10 -19.76
CA SER A 463 -20.64 -3.97 -21.21
C SER A 463 -19.35 -3.44 -21.83
N ASP A 464 -18.45 -2.93 -20.99
CA ASP A 464 -17.27 -2.22 -21.48
C ASP A 464 -16.20 -2.30 -20.40
N PRO A 465 -15.44 -3.39 -20.39
CA PRO A 465 -14.56 -3.66 -19.25
C PRO A 465 -13.52 -2.57 -18.96
N TRP A 466 -13.08 -1.83 -19.97
CA TRP A 466 -11.99 -0.87 -19.80
C TRP A 466 -12.47 0.52 -19.42
N GLN A 467 -13.77 0.70 -19.22
CA GLN A 467 -14.26 1.95 -18.67
C GLN A 467 -13.51 2.34 -17.41
N PHE A 468 -13.20 3.63 -17.26
CA PHE A 468 -12.55 4.14 -16.06
C PHE A 468 -13.33 3.77 -14.80
N ARG A 469 -14.65 3.70 -14.92
CA ARG A 469 -15.51 3.21 -13.85
C ARG A 469 -15.01 1.89 -13.27
N ASN A 470 -14.51 1.01 -14.13
CA ASN A 470 -14.02 -0.31 -13.70
C ASN A 470 -12.54 -0.29 -13.31
N VAL A 471 -11.78 0.63 -13.88
CA VAL A 471 -10.35 0.75 -13.63
C VAL A 471 -10.05 1.39 -12.27
N LEU A 472 -10.74 2.47 -11.97
CA LEU A 472 -10.48 3.21 -10.74
C LEU A 472 -10.82 2.37 -9.51
N VAL A 473 -9.94 2.38 -8.52
CA VAL A 473 -10.17 1.66 -7.28
C VAL A 473 -10.99 2.55 -6.39
N ARG A 474 -12.18 2.05 -6.04
CA ARG A 474 -13.22 2.79 -5.34
C ARG A 474 -13.65 1.97 -4.13
N ASP A 475 -14.19 2.65 -3.13
CA ASP A 475 -14.57 1.98 -1.88
C ASP A 475 -15.43 0.73 -2.13
N ASP B 1 12.91 -20.33 38.67
CA ASP B 1 12.48 -21.21 37.59
C ASP B 1 11.11 -20.81 37.10
N TRP B 2 10.74 -21.32 35.92
CA TRP B 2 9.42 -21.05 35.38
C TRP B 2 8.35 -21.64 36.27
N PRO B 3 7.28 -20.88 36.54
CA PRO B 3 6.20 -21.37 37.38
C PRO B 3 5.43 -22.49 36.72
N VAL B 4 5.18 -23.55 37.47
CA VAL B 4 4.28 -24.61 37.03
C VAL B 4 2.98 -24.36 37.76
N TYR B 5 1.99 -23.85 37.05
CA TYR B 5 0.79 -23.33 37.66
C TYR B 5 -0.10 -24.41 38.23
N HIS B 6 -0.27 -25.49 37.47
CA HIS B 6 -1.18 -26.56 37.84
C HIS B 6 -0.80 -27.84 37.15
N ARG B 7 -1.33 -28.94 37.68
CA ARG B 7 -1.26 -30.21 36.98
C ARG B 7 -2.52 -30.34 36.14
N ILE B 8 -2.36 -30.82 34.91
CA ILE B 8 -3.49 -31.20 34.09
C ILE B 8 -3.48 -32.73 34.08
N ASP B 9 -4.58 -33.34 34.50
CA ASP B 9 -4.58 -34.80 34.66
C ASP B 9 -5.15 -35.56 33.49
N GLY B 10 -5.91 -34.86 32.66
CA GLY B 10 -6.58 -35.50 31.55
C GLY B 10 -5.86 -35.26 30.23
N PRO B 11 -6.53 -35.61 29.14
CA PRO B 11 -5.94 -35.40 27.82
C PRO B 11 -5.84 -33.92 27.47
N ILE B 12 -4.74 -33.56 26.84
CA ILE B 12 -4.59 -32.22 26.26
C ILE B 12 -4.63 -32.41 24.76
N VAL B 13 -5.71 -31.93 24.15
CA VAL B 13 -6.00 -32.18 22.73
C VAL B 13 -5.79 -30.87 21.97
N MET B 14 -4.68 -30.78 21.26
CA MET B 14 -4.33 -29.60 20.48
CA MET B 14 -4.36 -29.60 20.49
C MET B 14 -4.80 -29.79 19.05
N ILE B 15 -5.78 -29.00 18.64
CA ILE B 15 -6.27 -29.03 17.28
C ILE B 15 -5.58 -27.93 16.49
N GLY B 16 -4.78 -28.35 15.52
CA GLY B 16 -3.99 -27.42 14.72
C GLY B 16 -2.62 -27.21 15.30
N PHE B 17 -1.62 -27.29 14.43
CA PHE B 17 -0.25 -27.15 14.84
C PHE B 17 0.50 -26.35 13.78
N GLY B 18 0.02 -25.12 13.58
CA GLY B 18 0.70 -24.15 12.72
C GLY B 18 1.48 -23.19 13.60
N SER B 19 1.58 -21.92 13.21
CA SER B 19 2.50 -21.03 13.91
C SER B 19 2.12 -20.89 15.38
N ILE B 20 0.83 -20.84 15.68
CA ILE B 20 0.41 -20.61 17.07
C ILE B 20 0.53 -21.91 17.89
N GLY B 21 0.11 -23.04 17.33
CA GLY B 21 0.27 -24.32 18.02
C GLY B 21 1.74 -24.59 18.33
N ARG B 22 2.63 -24.31 17.38
CA ARG B 22 4.06 -24.51 17.59
C ARG B 22 4.60 -23.62 18.70
N GLY B 23 4.03 -22.45 18.85
CA GLY B 23 4.48 -21.54 19.91
C GLY B 23 3.85 -21.87 21.26
N THR B 24 2.67 -22.48 21.24
CA THR B 24 1.90 -22.72 22.47
C THR B 24 2.31 -24.03 23.14
N LEU B 25 2.60 -25.05 22.34
CA LEU B 25 3.00 -26.34 22.91
C LEU B 25 4.14 -26.24 23.93
N PRO B 26 5.21 -25.51 23.61
CA PRO B 26 6.29 -25.44 24.59
C PRO B 26 5.89 -24.72 25.85
N LEU B 27 4.96 -23.78 25.76
CA LEU B 27 4.50 -23.09 26.97
C LEU B 27 3.62 -23.99 27.83
N ILE B 28 2.85 -24.85 27.19
CA ILE B 28 2.03 -25.81 27.91
C ILE B 28 2.96 -26.78 28.65
N GLU B 29 3.99 -27.26 27.96
CA GLU B 29 4.94 -28.19 28.57
C GLU B 29 5.69 -27.52 29.73
N ARG B 30 6.00 -26.25 29.58
CA ARG B 30 6.77 -25.52 30.56
C ARG B 30 5.98 -25.24 31.83
N HIS B 31 4.69 -24.93 31.68
CA HIS B 31 3.91 -24.30 32.73
C HIS B 31 2.86 -25.19 33.38
N PHE B 32 2.69 -26.41 32.88
CA PHE B 32 1.75 -27.36 33.47
C PHE B 32 2.46 -28.68 33.71
N ALA B 33 2.05 -29.38 34.76
CA ALA B 33 2.57 -30.71 35.04
C ALA B 33 1.62 -31.74 34.44
N PHE B 34 2.17 -32.67 33.66
CA PHE B 34 1.38 -33.74 33.04
C PHE B 34 2.31 -34.74 32.40
N ASP B 35 1.83 -35.95 32.16
CA ASP B 35 2.63 -36.91 31.42
C ASP B 35 2.56 -36.54 29.95
N ARG B 36 3.72 -36.41 29.31
CA ARG B 36 3.76 -35.99 27.93
C ARG B 36 2.87 -36.85 27.04
N SER B 37 2.74 -38.14 27.36
CA SER B 37 1.95 -39.05 26.54
C SER B 37 0.45 -38.69 26.49
N LYS B 38 0.00 -37.80 27.36
CA LYS B 38 -1.40 -37.37 27.38
C LYS B 38 -1.72 -36.24 26.39
N LEU B 39 -0.69 -35.70 25.76
N LEU B 39 -0.67 -35.70 25.79
CA LEU B 39 -0.91 -34.64 24.79
CA LEU B 39 -0.81 -34.71 24.73
C LEU B 39 -1.05 -35.28 23.42
C LEU B 39 -1.16 -35.41 23.44
N VAL B 40 -2.02 -34.80 22.64
CA VAL B 40 -2.25 -35.29 21.29
C VAL B 40 -2.45 -34.07 20.40
N VAL B 41 -1.82 -34.11 19.23
CA VAL B 41 -1.89 -33.02 18.28
C VAL B 41 -2.58 -33.56 17.04
N ILE B 42 -3.55 -32.81 16.53
CA ILE B 42 -4.30 -33.16 15.35
C ILE B 42 -4.13 -32.09 14.29
N ASP B 43 -3.63 -32.47 13.13
CA ASP B 43 -3.44 -31.52 12.03
C ASP B 43 -3.30 -32.33 10.75
N PRO B 44 -3.89 -31.85 9.65
CA PRO B 44 -3.79 -32.62 8.40
C PRO B 44 -2.45 -32.56 7.69
N SER B 45 -1.56 -31.66 8.06
CA SER B 45 -0.38 -31.44 7.24
C SER B 45 0.84 -32.29 7.61
N ASP B 46 1.59 -32.68 6.58
CA ASP B 46 2.85 -33.39 6.77
C ASP B 46 3.83 -32.53 7.54
N GLU B 47 3.82 -31.23 7.26
CA GLU B 47 4.71 -30.30 7.93
C GLU B 47 4.49 -30.35 9.43
N ALA B 48 3.23 -30.31 9.83
CA ALA B 48 2.91 -30.39 11.26
C ALA B 48 3.30 -31.76 11.84
N ARG B 49 3.05 -32.81 11.07
CA ARG B 49 3.36 -34.13 11.58
C ARG B 49 4.84 -34.24 11.93
N LYS B 50 5.71 -33.80 11.03
CA LYS B 50 7.14 -33.95 11.27
C LYS B 50 7.59 -33.13 12.48
N LEU B 51 6.96 -31.98 12.68
CA LEU B 51 7.32 -31.15 13.83
C LEU B 51 6.84 -31.81 15.13
N ALA B 52 5.66 -32.41 15.11
CA ALA B 52 5.14 -33.09 16.28
C ALA B 52 6.01 -34.31 16.59
N GLU B 53 6.39 -35.04 15.54
CA GLU B 53 7.21 -36.23 15.72
C GLU B 53 8.57 -35.84 16.29
N ALA B 54 9.10 -34.71 15.86
CA ALA B 54 10.37 -34.20 16.39
C ALA B 54 10.28 -33.91 17.89
N ARG B 55 9.09 -33.53 18.37
CA ARG B 55 8.88 -33.27 19.79
C ARG B 55 8.43 -34.51 20.55
N GLY B 56 8.26 -35.61 19.84
CA GLY B 56 7.91 -36.87 20.49
C GLY B 56 6.52 -36.84 21.07
N VAL B 57 5.64 -36.12 20.40
CA VAL B 57 4.26 -35.97 20.82
C VAL B 57 3.35 -36.77 19.90
N ARG B 58 2.34 -37.39 20.48
CA ARG B 58 1.35 -38.13 19.72
C ARG B 58 0.69 -37.24 18.67
N PHE B 59 0.60 -37.74 17.44
CA PHE B 59 0.06 -36.97 16.36
C PHE B 59 -0.97 -37.78 15.57
N ILE B 60 -2.05 -37.11 15.19
CA ILE B 60 -3.06 -37.69 14.33
C ILE B 60 -3.18 -36.80 13.09
N GLN B 61 -2.92 -37.37 11.92
CA GLN B 61 -2.93 -36.59 10.69
C GLN B 61 -4.31 -36.59 10.05
N GLN B 62 -5.19 -35.74 10.58
CA GLN B 62 -6.53 -35.62 10.06
C GLN B 62 -6.95 -34.17 10.09
N ALA B 63 -7.73 -33.80 9.09
CA ALA B 63 -8.49 -32.55 9.13
C ALA B 63 -9.75 -32.83 9.94
N VAL B 64 -10.01 -32.00 10.93
CA VAL B 64 -11.28 -32.03 11.64
C VAL B 64 -12.33 -31.37 10.77
N THR B 65 -13.43 -32.07 10.53
CA THR B 65 -14.47 -31.59 9.62
C THR B 65 -15.83 -31.73 10.26
N ARG B 66 -16.82 -31.08 9.68
CA ARG B 66 -18.18 -31.20 10.14
C ARG B 66 -18.60 -32.67 10.16
N ASP B 67 -18.14 -33.44 9.17
N ASP B 67 -18.16 -33.44 9.19
CA ASP B 67 -18.52 -34.85 9.06
CA ASP B 67 -18.53 -34.84 9.10
C ASP B 67 -17.87 -35.75 10.12
C ASP B 67 -17.86 -35.74 10.14
N ASN B 68 -16.63 -35.46 10.51
CA ASN B 68 -15.91 -36.38 11.38
C ASN B 68 -15.68 -35.89 12.80
N TYR B 69 -16.02 -34.65 13.13
CA TYR B 69 -15.48 -34.11 14.36
C TYR B 69 -15.98 -34.85 15.62
N ARG B 70 -17.22 -35.30 15.59
CA ARG B 70 -17.77 -35.97 16.77
C ARG B 70 -17.06 -37.31 16.97
N GLU B 71 -16.98 -38.09 15.90
CA GLU B 71 -16.41 -39.42 16.03
C GLU B 71 -14.93 -39.35 16.33
N LEU B 72 -14.27 -38.32 15.80
CA LEU B 72 -12.83 -38.16 15.99
C LEU B 72 -12.47 -37.61 17.36
N LEU B 73 -13.19 -36.58 17.79
CA LEU B 73 -12.78 -35.86 18.99
C LEU B 73 -13.31 -36.41 20.30
N VAL B 74 -14.50 -37.01 20.31
CA VAL B 74 -15.07 -37.42 21.59
C VAL B 74 -14.17 -38.42 22.34
N PRO B 75 -13.65 -39.46 21.65
CA PRO B 75 -12.79 -40.37 22.41
C PRO B 75 -11.54 -39.69 22.94
N LEU B 76 -11.05 -38.69 22.23
CA LEU B 76 -9.84 -37.99 22.67
C LEU B 76 -10.15 -37.11 23.88
N LEU B 77 -11.29 -36.45 23.84
CA LEU B 77 -11.66 -35.54 24.91
C LEU B 77 -12.00 -36.24 26.20
N THR B 78 -12.42 -37.51 26.09
CA THR B 78 -12.96 -38.25 27.22
C THR B 78 -12.03 -39.38 27.65
N ALA B 79 -10.79 -39.35 27.19
CA ALA B 79 -9.84 -40.44 27.46
C ALA B 79 -9.48 -40.56 28.94
N GLY B 80 -9.65 -39.47 29.68
CA GLY B 80 -9.38 -39.48 31.12
C GLY B 80 -7.90 -39.49 31.45
N PRO B 81 -7.57 -39.68 32.74
CA PRO B 81 -8.49 -39.95 33.85
C PRO B 81 -9.25 -38.73 34.31
N GLY B 82 -8.66 -37.56 34.13
CA GLY B 82 -9.29 -36.35 34.61
C GLY B 82 -9.94 -35.58 33.47
N GLN B 83 -10.29 -34.35 33.81
CA GLN B 83 -10.82 -33.41 32.84
C GLN B 83 -9.76 -33.09 31.82
N GLY B 84 -10.15 -33.18 30.55
CA GLY B 84 -9.27 -32.84 29.45
C GLY B 84 -9.35 -31.37 29.09
N PHE B 85 -8.44 -30.96 28.23
CA PHE B 85 -8.38 -29.57 27.78
C PHE B 85 -8.17 -29.58 26.27
N CYS B 86 -9.16 -29.06 25.56
CA CYS B 86 -9.07 -28.87 24.11
C CYS B 86 -8.51 -27.49 23.81
N VAL B 87 -7.36 -27.49 23.16
CA VAL B 87 -6.64 -26.25 22.83
C VAL B 87 -6.74 -26.16 21.31
N ASN B 88 -7.66 -25.31 20.86
CA ASN B 88 -7.99 -25.22 19.46
C ASN B 88 -7.31 -24.03 18.81
N LEU B 89 -6.36 -24.34 17.94
CA LEU B 89 -5.50 -23.35 17.28
C LEU B 89 -5.44 -23.64 15.79
N SER B 90 -6.61 -23.87 15.22
CA SER B 90 -6.73 -24.34 13.85
C SER B 90 -7.36 -23.30 12.92
N VAL B 91 -7.39 -23.63 11.64
CA VAL B 91 -8.25 -22.95 10.68
C VAL B 91 -9.22 -23.98 10.12
N ASP B 92 -10.29 -23.50 9.51
CA ASP B 92 -11.23 -24.30 8.72
C ASP B 92 -12.15 -25.17 9.58
N THR B 93 -12.15 -24.93 10.89
CA THR B 93 -12.94 -25.72 11.83
C THR B 93 -13.95 -24.83 12.55
N SER B 94 -15.10 -25.37 12.93
CA SER B 94 -16.07 -24.60 13.68
C SER B 94 -15.72 -24.50 15.15
N SER B 95 -15.34 -23.30 15.59
CA SER B 95 -15.10 -23.07 16.99
C SER B 95 -16.33 -23.39 17.82
N LEU B 96 -17.48 -22.99 17.32
CA LEU B 96 -18.72 -23.18 18.05
C LEU B 96 -19.00 -24.67 18.25
N ASP B 97 -18.93 -25.43 17.18
CA ASP B 97 -19.30 -26.83 17.29
C ASP B 97 -18.30 -27.58 18.14
N ILE B 98 -17.02 -27.26 18.03
CA ILE B 98 -16.02 -27.98 18.81
C ILE B 98 -16.15 -27.60 20.28
N MET B 99 -16.37 -26.32 20.54
CA MET B 99 -16.57 -25.84 21.88
C MET B 99 -17.76 -26.54 22.54
N GLU B 100 -18.86 -26.65 21.81
CA GLU B 100 -20.06 -27.28 22.35
C GLU B 100 -19.82 -28.76 22.64
N LEU B 101 -19.02 -29.39 21.78
CA LEU B 101 -18.68 -30.79 21.95
C LEU B 101 -17.80 -30.97 23.19
N ALA B 102 -16.82 -30.10 23.37
CA ALA B 102 -15.97 -30.16 24.55
C ALA B 102 -16.84 -30.00 25.79
N ARG B 103 -17.71 -29.02 25.80
CA ARG B 103 -18.56 -28.79 26.98
C ARG B 103 -19.49 -29.96 27.27
N GLU B 104 -20.05 -30.55 26.22
CA GLU B 104 -20.96 -31.69 26.36
C GLU B 104 -20.26 -32.84 27.04
N ASN B 105 -18.94 -32.89 26.86
CA ASN B 105 -18.13 -33.99 27.35
C ASN B 105 -17.24 -33.62 28.53
N GLY B 106 -17.51 -32.45 29.10
CA GLY B 106 -16.82 -32.02 30.30
C GLY B 106 -15.39 -31.61 30.15
N ALA B 107 -14.96 -31.29 28.93
CA ALA B 107 -13.59 -30.92 28.67
C ALA B 107 -13.51 -29.40 28.58
N LEU B 108 -12.46 -28.84 29.16
CA LEU B 108 -12.18 -27.42 29.03
C LEU B 108 -11.82 -27.13 27.57
N TYR B 109 -11.98 -25.87 27.17
CA TYR B 109 -11.79 -25.47 25.78
C TYR B 109 -11.27 -24.04 25.72
N ILE B 110 -10.37 -23.80 24.77
CA ILE B 110 -9.89 -22.46 24.46
C ILE B 110 -9.60 -22.35 22.97
N ASP B 111 -9.89 -21.16 22.42
CA ASP B 111 -9.49 -20.84 21.06
C ASP B 111 -9.14 -19.38 20.97
N THR B 112 -8.79 -18.96 19.77
CA THR B 112 -8.34 -17.58 19.54
C THR B 112 -9.15 -16.89 18.44
N VAL B 113 -10.26 -17.47 18.01
CA VAL B 113 -11.03 -16.97 16.88
C VAL B 113 -12.34 -17.72 16.86
N VAL B 114 -13.42 -17.08 16.43
CA VAL B 114 -14.64 -17.81 16.14
C VAL B 114 -14.56 -18.22 14.67
N GLU B 115 -13.97 -19.39 14.44
CA GLU B 115 -13.76 -19.88 13.10
C GLU B 115 -14.99 -20.69 12.68
N PRO B 116 -15.36 -20.63 11.39
CA PRO B 116 -16.44 -21.44 10.84
C PRO B 116 -15.90 -22.69 10.14
N TRP B 117 -16.76 -23.69 9.92
CA TRP B 117 -16.35 -24.80 9.07
C TRP B 117 -15.96 -24.31 7.69
N LEU B 118 -14.94 -24.95 7.13
CA LEU B 118 -14.52 -24.73 5.77
C LEU B 118 -15.68 -24.55 4.82
N GLY B 119 -15.64 -23.44 4.08
CA GLY B 119 -16.67 -23.16 3.10
C GLY B 119 -17.35 -21.83 3.37
N PHE B 120 -17.41 -21.44 4.63
CA PHE B 120 -18.15 -20.24 5.05
C PHE B 120 -17.57 -18.96 4.45
N TYR B 121 -16.26 -18.79 4.56
CA TYR B 121 -15.68 -17.48 4.27
C TYR B 121 -15.85 -17.06 2.81
N PHE B 122 -15.99 -18.03 1.92
CA PHE B 122 -16.11 -17.75 0.48
C PHE B 122 -17.45 -18.22 -0.10
N ASP B 123 -18.40 -18.56 0.76
CA ASP B 123 -19.71 -18.99 0.31
C ASP B 123 -20.41 -17.84 -0.44
N PRO B 124 -20.73 -18.03 -1.73
CA PRO B 124 -21.34 -16.94 -2.49
C PRO B 124 -22.80 -16.68 -2.14
N ASP B 125 -23.43 -17.65 -1.49
CA ASP B 125 -24.85 -17.51 -1.15
C ASP B 125 -25.06 -16.76 0.15
N LEU B 126 -23.99 -16.50 0.89
CA LEU B 126 -24.13 -15.74 2.11
C LEU B 126 -24.19 -14.25 1.82
N LYS B 127 -25.11 -13.55 2.45
N LYS B 127 -25.10 -13.57 2.51
CA LYS B 127 -25.14 -12.09 2.43
CA LYS B 127 -25.16 -12.13 2.40
C LYS B 127 -23.96 -11.61 3.27
C LYS B 127 -24.05 -11.58 3.29
N PRO B 128 -23.48 -10.42 2.95
CA PRO B 128 -22.34 -9.86 3.67
C PRO B 128 -22.51 -9.87 5.19
N GLU B 129 -23.72 -9.59 5.66
CA GLU B 129 -23.98 -9.51 7.09
C GLU B 129 -23.69 -10.86 7.75
N ALA B 130 -23.99 -11.92 7.02
CA ALA B 130 -23.86 -13.25 7.55
C ALA B 130 -22.39 -13.68 7.58
N ARG B 131 -21.57 -13.01 6.78
CA ARG B 131 -20.14 -13.29 6.74
C ARG B 131 -19.38 -12.56 7.85
N SER B 132 -20.10 -11.78 8.66
CA SER B 132 -19.45 -10.89 9.62
C SER B 132 -19.03 -11.59 10.90
N ASN B 133 -18.00 -11.05 11.55
CA ASN B 133 -17.61 -11.53 12.87
C ASN B 133 -18.67 -11.29 13.91
N TYR B 134 -19.45 -10.23 13.72
CA TYR B 134 -20.57 -10.01 14.61
C TYR B 134 -21.52 -11.20 14.56
N ALA B 135 -21.85 -11.67 13.36
CA ALA B 135 -22.75 -12.81 13.21
C ALA B 135 -22.15 -14.07 13.84
N LEU B 136 -20.89 -14.30 13.60
CA LEU B 136 -20.22 -15.46 14.16
C LEU B 136 -20.23 -15.40 15.69
N ARG B 137 -19.89 -14.25 16.25
CA ARG B 137 -19.91 -14.08 17.69
C ARG B 137 -21.31 -14.30 18.24
N GLU B 138 -22.33 -13.85 17.51
CA GLU B 138 -23.68 -14.03 18.02
C GLU B 138 -24.01 -15.53 18.16
N THR B 139 -23.38 -16.39 17.37
CA THR B 139 -23.68 -17.83 17.54
C THR B 139 -23.15 -18.30 18.88
N VAL B 140 -22.03 -17.73 19.31
CA VAL B 140 -21.46 -18.03 20.61
C VAL B 140 -22.30 -17.45 21.74
N LEU B 141 -22.77 -16.23 21.60
CA LEU B 141 -23.61 -15.64 22.65
C LEU B 141 -24.91 -16.45 22.79
N ALA B 142 -25.42 -16.95 21.68
CA ALA B 142 -26.68 -17.69 21.72
C ALA B 142 -26.45 -19.02 22.44
N ALA B 143 -25.31 -19.64 22.19
CA ALA B 143 -24.98 -20.91 22.84
C ALA B 143 -24.90 -20.70 24.33
N ARG B 144 -24.37 -19.56 24.75
CA ARG B 144 -24.24 -19.26 26.14
C ARG B 144 -25.61 -19.06 26.78
N ARG B 145 -26.51 -18.38 26.10
CA ARG B 145 -27.87 -18.21 26.61
C ARG B 145 -28.58 -19.55 26.70
N ASN B 146 -28.32 -20.42 25.73
CA ASN B 146 -29.01 -21.71 25.68
C ASN B 146 -28.53 -22.67 26.77
N LYS B 147 -27.26 -22.58 27.13
CA LYS B 147 -26.67 -23.44 28.15
C LYS B 147 -25.77 -22.64 29.07
N PRO B 148 -26.37 -21.84 29.95
CA PRO B 148 -25.60 -21.00 30.87
C PRO B 148 -24.80 -21.85 31.86
N GLY B 149 -23.68 -21.33 32.32
CA GLY B 149 -22.82 -22.06 33.24
C GLY B 149 -22.25 -23.31 32.61
N GLY B 150 -21.83 -24.23 33.46
CA GLY B 150 -21.24 -25.47 33.00
C GLY B 150 -19.74 -25.33 32.76
N THR B 151 -19.18 -26.29 32.07
CA THR B 151 -17.74 -26.36 31.84
C THR B 151 -17.25 -25.11 31.09
N THR B 152 -16.13 -24.58 31.53
CA THR B 152 -15.58 -23.37 30.96
C THR B 152 -15.08 -23.60 29.55
N ALA B 153 -15.48 -22.68 28.67
CA ALA B 153 -14.96 -22.62 27.30
C ALA B 153 -14.58 -21.18 27.05
N VAL B 154 -13.31 -20.97 26.73
CA VAL B 154 -12.80 -19.61 26.54
C VAL B 154 -12.72 -19.32 25.04
N SER B 155 -13.54 -18.37 24.61
CA SER B 155 -13.63 -17.95 23.22
C SER B 155 -12.74 -16.74 22.96
N CYS B 156 -11.92 -16.84 21.93
CA CYS B 156 -11.15 -15.71 21.42
C CYS B 156 -10.18 -15.15 22.43
N CYS B 157 -9.28 -16.02 22.88
CA CYS B 157 -8.27 -15.67 23.85
C CYS B 157 -6.87 -15.84 23.30
N GLY B 158 -6.56 -15.04 22.26
CA GLY B 158 -5.20 -14.88 21.76
C GLY B 158 -4.66 -13.53 22.15
N ALA B 159 -3.84 -12.93 21.28
CA ALA B 159 -3.34 -11.60 21.52
C ALA B 159 -4.41 -10.57 21.25
N ASN B 160 -5.10 -10.73 20.13
CA ASN B 160 -6.14 -9.80 19.71
C ASN B 160 -6.98 -10.47 18.63
N PRO B 161 -8.18 -10.94 18.99
CA PRO B 161 -8.83 -10.87 20.31
C PRO B 161 -8.11 -11.62 21.41
N GLY B 162 -8.27 -11.15 22.63
CA GLY B 162 -7.79 -11.84 23.83
C GLY B 162 -7.16 -10.83 24.78
N MET B 163 -5.84 -10.85 24.80
CA MET B 163 -5.04 -9.93 25.62
C MET B 163 -5.51 -8.49 25.60
N VAL B 164 -5.87 -7.99 24.43
CA VAL B 164 -6.23 -6.58 24.33
C VAL B 164 -7.44 -6.21 25.20
N SER B 165 -8.31 -7.18 25.51
CA SER B 165 -9.40 -6.92 26.45
C SER B 165 -8.86 -6.60 27.84
N TRP B 166 -7.80 -7.29 28.22
CA TRP B 166 -7.16 -7.05 29.53
C TRP B 166 -6.46 -5.69 29.52
N PHE B 167 -5.83 -5.37 28.39
CA PHE B 167 -5.22 -4.05 28.25
C PHE B 167 -6.25 -2.92 28.35
N VAL B 168 -7.45 -3.13 27.82
CA VAL B 168 -8.49 -2.10 27.91
C VAL B 168 -8.81 -1.85 29.37
N LYS B 169 -8.97 -2.91 30.15
CA LYS B 169 -9.25 -2.73 31.56
C LYS B 169 -8.12 -2.01 32.29
N GLN B 170 -6.88 -2.38 32.05
CA GLN B 170 -5.76 -1.70 32.69
C GLN B 170 -5.69 -0.25 32.25
N ALA B 171 -5.96 0.00 30.96
CA ALA B 171 -5.90 1.35 30.44
C ALA B 171 -6.97 2.23 31.08
N LEU B 172 -8.16 1.67 31.30
CA LEU B 172 -9.22 2.42 31.96
C LEU B 172 -8.83 2.79 33.39
N VAL B 173 -8.24 1.84 34.11
CA VAL B 173 -7.77 2.09 35.46
C VAL B 173 -6.70 3.20 35.44
N ASN B 174 -5.75 3.12 34.52
CA ASN B 174 -4.71 4.13 34.44
C ASN B 174 -5.26 5.50 34.10
N LEU B 175 -6.18 5.55 33.13
CA LEU B 175 -6.84 6.81 32.78
C LEU B 175 -7.60 7.41 33.96
N ALA B 176 -8.30 6.58 34.70
CA ALA B 176 -9.05 7.06 35.85
C ALA B 176 -8.11 7.76 36.84
N ALA B 177 -6.96 7.14 37.10
CA ALA B 177 -6.00 7.74 38.01
C ALA B 177 -5.48 9.06 37.45
N ASP B 178 -5.15 9.07 36.15
CA ASP B 178 -4.53 10.23 35.53
C ASP B 178 -5.51 11.39 35.34
N LEU B 179 -6.79 11.07 35.23
CA LEU B 179 -7.82 12.08 35.04
C LEU B 179 -8.46 12.46 36.39
N GLY B 180 -8.07 11.75 37.44
CA GLY B 180 -8.54 12.04 38.78
C GLY B 180 -9.99 11.66 38.99
N VAL B 181 -10.43 10.62 38.29
CA VAL B 181 -11.78 10.11 38.43
C VAL B 181 -11.82 9.14 39.61
N THR B 182 -12.69 9.45 40.57
CA THR B 182 -12.74 8.76 41.85
C THR B 182 -13.66 7.57 41.78
N GLY B 183 -13.41 6.59 42.64
CA GLY B 183 -14.27 5.42 42.76
C GLY B 183 -13.43 4.17 42.87
N GLU B 184 -14.06 3.09 43.29
CA GLU B 184 -13.36 1.83 43.39
C GLU B 184 -13.24 1.21 42.01
N GLU B 185 -12.22 0.38 41.84
CA GLU B 185 -12.02 -0.33 40.59
C GLU B 185 -13.27 -1.16 40.30
N PRO B 186 -13.76 -1.12 39.06
CA PRO B 186 -14.94 -1.91 38.72
C PRO B 186 -14.72 -3.39 38.94
N THR B 187 -15.78 -4.10 39.29
CA THR B 187 -15.73 -5.54 39.51
C THR B 187 -16.86 -6.26 38.79
N THR B 188 -17.62 -5.50 38.00
CA THR B 188 -18.67 -6.06 37.16
C THR B 188 -18.64 -5.40 35.79
N ARG B 189 -19.25 -6.05 34.81
CA ARG B 189 -19.30 -5.52 33.44
C ARG B 189 -19.95 -4.12 33.46
N GLU B 190 -21.05 -4.02 34.19
CA GLU B 190 -21.79 -2.76 34.29
C GLU B 190 -20.91 -1.63 34.84
N GLU B 191 -20.09 -1.97 35.83
CA GLU B 191 -19.18 -0.98 36.41
C GLU B 191 -18.05 -0.58 35.44
N TRP B 192 -17.52 -1.54 34.69
CA TRP B 192 -16.52 -1.21 33.67
C TRP B 192 -17.10 -0.31 32.59
N ALA B 193 -18.30 -0.64 32.11
CA ALA B 193 -18.94 0.17 31.09
C ALA B 193 -19.17 1.59 31.62
N ARG B 194 -19.64 1.70 32.85
CA ARG B 194 -19.85 3.01 33.45
C ARG B 194 -18.54 3.79 33.61
N LEU B 195 -17.44 3.12 33.92
CA LEU B 195 -16.16 3.81 34.05
C LEU B 195 -15.74 4.38 32.69
N ALA B 196 -15.87 3.59 31.63
CA ALA B 196 -15.51 4.06 30.28
C ALA B 196 -16.35 5.29 29.94
N MET B 197 -17.63 5.23 30.24
CA MET B 197 -18.53 6.36 30.00
C MET B 197 -18.12 7.57 30.82
N ASP B 198 -17.82 7.37 32.09
CA ASP B 198 -17.47 8.47 32.98
C ASP B 198 -16.15 9.12 32.59
N LEU B 199 -15.25 8.33 32.01
CA LEU B 199 -13.96 8.85 31.57
C LEU B 199 -14.06 9.55 30.23
N GLY B 200 -15.19 9.37 29.56
CA GLY B 200 -15.41 10.02 28.27
C GLY B 200 -14.60 9.37 27.18
N VAL B 201 -14.44 8.05 27.26
CA VAL B 201 -13.82 7.31 26.17
C VAL B 201 -14.77 7.19 24.99
N LYS B 202 -14.50 7.96 23.95
CA LYS B 202 -15.35 7.93 22.77
C LYS B 202 -15.13 6.66 21.97
N GLY B 203 -13.89 6.22 21.88
CA GLY B 203 -13.62 4.99 21.15
C GLY B 203 -12.24 4.45 21.43
N ILE B 204 -11.97 3.30 20.82
CA ILE B 204 -10.77 2.52 21.06
C ILE B 204 -10.31 1.95 19.74
N HIS B 205 -9.05 2.14 19.37
CA HIS B 205 -8.45 1.33 18.30
C HIS B 205 -7.64 0.22 18.92
N ILE B 206 -7.71 -0.96 18.29
CA ILE B 206 -6.71 -1.97 18.55
C ILE B 206 -5.60 -1.57 17.60
N ALA B 207 -4.58 -0.93 18.16
CA ALA B 207 -3.61 -0.16 17.39
C ALA B 207 -2.31 -0.92 17.38
N GLU B 208 -2.00 -1.52 16.24
CA GLU B 208 -0.90 -2.45 16.12
C GLU B 208 0.05 -2.06 14.99
N ARG B 209 1.33 -2.14 15.28
CA ARG B 209 2.37 -1.95 14.26
C ARG B 209 3.38 -3.08 14.41
N ASP B 210 3.46 -3.94 13.39
CA ASP B 210 4.42 -5.03 13.36
C ASP B 210 5.60 -4.58 12.49
N THR B 211 6.80 -4.51 13.08
CA THR B 211 7.97 -4.06 12.33
C THR B 211 8.96 -5.19 12.06
N GLN B 212 8.53 -6.41 12.23
CA GLN B 212 9.39 -7.55 11.95
C GLN B 212 9.75 -7.61 10.45
N ARG B 213 11.02 -7.90 10.18
CA ARG B 213 11.58 -7.87 8.82
C ARG B 213 12.39 -9.14 8.63
N ALA B 214 12.40 -9.72 7.44
CA ALA B 214 13.12 -10.97 7.25
C ALA B 214 14.47 -10.74 6.57
N SER B 215 15.28 -11.79 6.57
CA SER B 215 16.61 -11.71 6.00
C SER B 215 16.58 -11.78 4.47
N PHE B 216 15.39 -12.01 3.90
CA PHE B 216 15.23 -12.08 2.45
C PHE B 216 14.11 -11.13 2.06
N PRO B 217 14.24 -10.49 0.89
CA PRO B 217 13.20 -9.57 0.46
C PRO B 217 11.93 -10.30 0.05
N LYS B 218 10.82 -9.59 0.00
CA LYS B 218 9.57 -10.25 -0.30
C LYS B 218 9.60 -10.83 -1.71
N PRO B 219 9.27 -12.12 -1.81
CA PRO B 219 9.26 -12.74 -3.14
C PRO B 219 8.01 -12.36 -3.92
N PHE B 220 8.17 -12.18 -5.22
CA PHE B 220 7.04 -11.95 -6.10
C PHE B 220 6.06 -13.11 -6.00
N ASP B 221 4.77 -12.79 -5.90
CA ASP B 221 3.71 -13.78 -5.96
C ASP B 221 3.82 -14.75 -4.78
N VAL B 222 4.21 -14.22 -3.65
CA VAL B 222 4.21 -14.96 -2.39
C VAL B 222 3.64 -14.01 -1.35
N PHE B 223 2.59 -14.45 -0.66
CA PHE B 223 2.06 -13.69 0.48
C PHE B 223 2.90 -14.01 1.70
N VAL B 224 3.41 -12.99 2.38
CA VAL B 224 4.27 -13.14 3.55
C VAL B 224 3.61 -12.49 4.75
N ASN B 225 3.59 -13.22 5.87
CA ASN B 225 3.06 -12.69 7.12
C ASN B 225 3.81 -13.29 8.31
N THR B 226 3.56 -12.76 9.50
CA THR B 226 4.19 -13.27 10.71
C THR B 226 3.32 -14.24 11.47
N TRP B 227 2.12 -14.49 10.95
CA TRP B 227 1.22 -15.50 11.49
C TRP B 227 0.36 -15.94 10.33
N SER B 228 -0.61 -16.80 10.59
CA SER B 228 -1.43 -17.42 9.55
C SER B 228 -1.68 -16.54 8.33
N VAL B 229 -1.19 -16.96 7.18
CA VAL B 229 -1.57 -16.28 5.96
C VAL B 229 -3.03 -16.58 5.64
N GLU B 230 -3.41 -17.85 5.74
CA GLU B 230 -4.77 -18.23 5.42
C GLU B 230 -5.74 -17.48 6.32
N GLY B 231 -5.46 -17.43 7.61
CA GLY B 231 -6.34 -16.77 8.55
C GLY B 231 -6.40 -15.27 8.33
N PHE B 232 -5.25 -14.64 8.04
CA PHE B 232 -5.22 -13.19 7.84
C PHE B 232 -5.99 -12.83 6.59
N VAL B 233 -5.77 -13.58 5.51
CA VAL B 233 -6.48 -13.31 4.27
C VAL B 233 -7.98 -13.52 4.42
N SER B 234 -8.38 -14.58 5.11
CA SER B 234 -9.80 -14.79 5.36
C SER B 234 -10.44 -13.63 6.11
N GLU B 235 -9.84 -13.16 7.20
CA GLU B 235 -10.43 -12.04 7.91
C GLU B 235 -10.32 -10.75 7.09
N GLY B 236 -9.26 -10.64 6.30
CA GLY B 236 -9.09 -9.46 5.45
C GLY B 236 -10.13 -9.35 4.36
N LEU B 237 -10.70 -10.47 3.91
CA LEU B 237 -11.72 -10.47 2.87
C LEU B 237 -13.13 -10.47 3.43
N GLN B 238 -13.26 -10.63 4.74
CA GLN B 238 -14.54 -10.38 5.38
C GLN B 238 -14.80 -8.88 5.35
N PRO B 239 -16.06 -8.47 5.50
CA PRO B 239 -16.35 -7.03 5.56
C PRO B 239 -15.52 -6.32 6.62
N ALA B 240 -15.12 -5.09 6.34
CA ALA B 240 -14.60 -4.22 7.38
C ALA B 240 -15.67 -4.11 8.45
N GLU B 241 -15.25 -4.08 9.70
CA GLU B 241 -16.21 -4.20 10.79
C GLU B 241 -15.71 -3.50 12.03
N LEU B 242 -16.64 -2.91 12.78
CA LEU B 242 -16.27 -2.15 13.94
C LEU B 242 -17.40 -2.12 14.94
N GLY B 243 -17.03 -2.08 16.21
CA GLY B 243 -17.96 -1.73 17.27
C GLY B 243 -18.25 -0.25 17.10
N TRP B 244 -19.50 0.12 17.24
CA TRP B 244 -19.98 1.43 16.81
C TRP B 244 -20.39 2.31 17.98
N GLY B 245 -19.66 3.40 18.16
CA GLY B 245 -19.83 4.23 19.32
C GLY B 245 -21.05 5.13 19.26
N THR B 246 -21.63 5.37 20.43
CA THR B 246 -22.75 6.28 20.51
C THR B 246 -22.33 7.70 20.14
N PHE B 247 -21.04 8.05 20.24
CA PHE B 247 -20.63 9.41 19.89
C PHE B 247 -20.58 9.66 18.37
N GLU B 248 -20.57 8.60 17.56
CA GLU B 248 -20.41 8.76 16.12
C GLU B 248 -21.60 9.49 15.53
N ARG B 249 -21.33 10.44 14.63
CA ARG B 249 -22.38 11.25 14.00
C ARG B 249 -22.56 10.95 12.52
N TRP B 250 -21.74 10.07 11.97
CA TRP B 250 -21.73 9.80 10.54
C TRP B 250 -21.26 8.38 10.30
N MET B 251 -21.81 7.75 9.27
CA MET B 251 -21.25 6.50 8.75
C MET B 251 -21.31 6.55 7.24
N PRO B 252 -20.42 5.82 6.56
CA PRO B 252 -20.43 5.87 5.10
C PRO B 252 -21.68 5.25 4.52
N ASP B 253 -21.94 5.54 3.25
CA ASP B 253 -23.12 5.05 2.59
C ASP B 253 -23.16 3.55 2.55
N ASN B 254 -21.99 2.93 2.50
CA ASN B 254 -21.93 1.47 2.41
C ASN B 254 -21.79 0.78 3.76
N ALA B 255 -22.05 1.50 4.84
CA ALA B 255 -22.14 0.89 6.17
C ALA B 255 -23.52 0.32 6.42
N ARG B 256 -23.57 -0.75 7.19
CA ARG B 256 -24.81 -1.41 7.54
C ARG B 256 -24.76 -1.84 8.99
N GLY B 257 -25.92 -1.96 9.61
CA GLY B 257 -26.03 -2.47 10.96
C GLY B 257 -26.59 -3.88 10.98
N HIS B 258 -27.12 -4.28 12.13
CA HIS B 258 -27.66 -5.62 12.31
C HIS B 258 -29.05 -5.52 12.87
N ASP B 259 -29.96 -6.36 12.35
CA ASP B 259 -31.34 -6.39 12.82
C ASP B 259 -31.52 -7.04 14.18
N SER B 260 -30.53 -7.82 14.62
CA SER B 260 -30.63 -8.55 15.88
C SER B 260 -29.26 -8.62 16.54
N GLY B 261 -29.18 -9.29 17.68
CA GLY B 261 -27.93 -9.46 18.41
C GLY B 261 -27.65 -8.40 19.45
N CYS B 262 -26.40 -8.28 19.87
CA CYS B 262 -26.06 -7.42 20.98
C CYS B 262 -26.19 -5.93 20.67
N GLY B 263 -26.20 -5.58 19.39
CA GLY B 263 -26.47 -4.22 18.94
C GLY B 263 -25.24 -3.34 18.78
N ALA B 264 -24.05 -3.90 18.98
CA ALA B 264 -22.85 -3.11 19.14
C ALA B 264 -22.06 -2.83 17.87
N GLY B 265 -22.48 -3.35 16.73
CA GLY B 265 -21.65 -3.35 15.54
C GLY B 265 -22.22 -2.75 14.28
N ILE B 266 -21.34 -2.25 13.43
CA ILE B 266 -21.65 -2.04 12.03
C ILE B 266 -20.60 -2.76 11.17
N TYR B 267 -20.89 -2.92 9.89
CA TYR B 267 -19.90 -3.40 8.95
C TYR B 267 -20.00 -2.58 7.67
N LEU B 268 -18.97 -2.63 6.84
CA LEU B 268 -18.91 -1.91 5.57
C LEU B 268 -18.90 -2.94 4.46
N LEU B 269 -19.52 -2.60 3.33
CA LEU B 269 -19.62 -3.50 2.20
C LEU B 269 -18.36 -3.43 1.36
N GLN B 270 -17.24 -3.72 2.01
CA GLN B 270 -15.94 -3.73 1.36
C GLN B 270 -15.00 -4.53 2.24
N PRO B 271 -13.96 -5.10 1.65
CA PRO B 271 -13.07 -5.93 2.47
C PRO B 271 -12.19 -5.14 3.42
N GLY B 272 -12.06 -5.62 4.66
CA GLY B 272 -11.35 -4.90 5.68
C GLY B 272 -9.88 -4.72 5.39
N ALA B 273 -9.22 -5.71 4.76
CA ALA B 273 -7.81 -5.56 4.50
C ALA B 273 -7.50 -4.61 3.35
N ASN B 274 -8.54 -4.10 2.67
CA ASN B 274 -8.36 -3.03 1.69
C ASN B 274 -9.10 -1.79 2.15
N THR B 275 -9.27 -1.66 3.46
CA THR B 275 -9.88 -0.47 4.06
C THR B 275 -8.86 0.12 5.01
N ARG B 276 -8.53 1.41 4.83
CA ARG B 276 -7.54 2.05 5.68
C ARG B 276 -8.21 3.01 6.65
N VAL B 277 -7.58 3.12 7.81
CA VAL B 277 -7.99 4.06 8.85
C VAL B 277 -6.76 4.79 9.38
N ARG B 278 -6.95 6.04 9.77
CA ARG B 278 -5.89 6.82 10.37
C ARG B 278 -5.78 6.47 11.84
N SER B 279 -4.59 6.12 12.25
CA SER B 279 -4.37 5.70 13.62
C SER B 279 -2.95 6.04 14.06
N TRP B 280 -2.55 5.48 15.20
CA TRP B 280 -1.33 5.90 15.88
C TRP B 280 -0.86 4.82 16.84
N THR B 281 0.44 4.56 16.85
CA THR B 281 1.09 3.77 17.91
C THR B 281 2.38 4.48 18.31
N PRO B 282 2.94 4.14 19.46
CA PRO B 282 4.12 4.90 19.90
C PRO B 282 5.31 4.80 18.96
N THR B 283 5.53 3.64 18.35
CA THR B 283 6.69 3.49 17.47
C THR B 283 6.36 3.98 16.06
N ALA B 284 5.13 3.76 15.62
CA ALA B 284 4.73 4.15 14.28
C ALA B 284 4.47 5.64 14.20
N MET B 285 4.09 6.23 15.34
N MET B 285 4.11 6.23 15.34
CA MET B 285 3.47 7.53 15.34
CA MET B 285 3.43 7.51 15.38
C MET B 285 2.25 7.43 14.43
C MET B 285 2.24 7.41 14.43
N ALA B 286 1.89 8.50 13.73
CA ALA B 286 0.72 8.45 12.87
C ALA B 286 0.94 7.46 11.74
N GLN B 287 -0.04 6.60 11.51
CA GLN B 287 0.07 5.58 10.46
C GLN B 287 -1.29 5.18 9.96
N TYR B 288 -1.30 4.54 8.80
CA TYR B 288 -2.48 3.82 8.37
C TYR B 288 -2.54 2.45 9.01
N GLY B 289 -3.73 2.08 9.47
CA GLY B 289 -4.02 0.70 9.80
C GLY B 289 -5.06 0.21 8.82
N PHE B 290 -5.15 -1.11 8.69
CA PHE B 290 -6.24 -1.72 7.97
C PHE B 290 -7.36 -2.07 8.93
N LEU B 291 -8.58 -1.83 8.47
CA LEU B 291 -9.79 -2.00 9.26
C LEU B 291 -10.30 -3.44 9.10
N VAL B 292 -9.46 -4.36 9.53
CA VAL B 292 -9.77 -5.78 9.43
C VAL B 292 -10.69 -6.17 10.58
N THR B 293 -11.72 -6.92 10.24
CA THR B 293 -12.68 -7.36 11.25
C THR B 293 -12.02 -8.24 12.29
N HIS B 294 -12.47 -8.10 13.53
CA HIS B 294 -11.90 -8.83 14.65
C HIS B 294 -13.00 -8.98 15.70
N ASN B 295 -13.00 -10.11 16.40
CA ASN B 295 -14.02 -10.38 17.41
C ASN B 295 -14.08 -9.27 18.46
N GLU B 296 -12.90 -8.82 18.89
CA GLU B 296 -12.84 -7.84 19.99
C GLU B 296 -13.39 -6.46 19.61
N SER B 297 -13.44 -6.14 18.32
CA SER B 297 -14.07 -4.90 17.90
C SER B 297 -15.50 -4.88 18.39
N ILE B 298 -16.15 -6.04 18.31
CA ILE B 298 -17.52 -6.15 18.81
C ILE B 298 -17.55 -6.43 20.32
N SER B 299 -16.73 -7.36 20.80
CA SER B 299 -16.84 -7.79 22.21
C SER B 299 -16.51 -6.68 23.19
N ILE B 300 -15.51 -5.86 22.89
CA ILE B 300 -15.14 -4.77 23.77
C ILE B 300 -16.22 -3.67 23.76
N ALA B 301 -16.72 -3.32 22.57
CA ALA B 301 -17.79 -2.34 22.48
C ALA B 301 -19.04 -2.83 23.22
N ASP B 302 -19.34 -4.11 23.09
CA ASP B 302 -20.49 -4.68 23.77
C ASP B 302 -20.26 -4.65 25.29
N PHE B 303 -19.09 -5.10 25.72
CA PHE B 303 -18.76 -5.13 27.14
C PHE B 303 -18.90 -3.75 27.78
N LEU B 304 -18.50 -2.71 27.06
CA LEU B 304 -18.49 -1.37 27.63
C LEU B 304 -19.75 -0.59 27.30
N THR B 305 -20.83 -1.31 27.00
CA THR B 305 -22.11 -0.65 26.70
C THR B 305 -22.86 -0.38 28.00
N VAL B 306 -23.29 0.86 28.18
CA VAL B 306 -24.16 1.24 29.28
C VAL B 306 -25.57 1.34 28.72
N ARG B 307 -26.51 0.71 29.41
CA ARG B 307 -27.89 0.76 29.02
C ARG B 307 -28.71 1.42 30.11
N ASP B 308 -29.77 2.10 29.72
CA ASP B 308 -30.69 2.65 30.72
C ASP B 308 -31.64 1.56 31.21
N ALA B 309 -32.57 1.94 32.09
CA ALA B 309 -33.49 1.00 32.69
C ALA B 309 -34.29 0.23 31.65
N ALA B 310 -34.64 0.90 30.57
CA ALA B 310 -35.41 0.27 29.49
C ALA B 310 -34.55 -0.65 28.63
N GLY B 311 -33.24 -0.62 28.84
CA GLY B 311 -32.33 -1.49 28.11
C GLY B 311 -31.81 -0.90 26.83
N GLN B 312 -32.00 0.40 26.63
CA GLN B 312 -31.48 1.06 25.45
C GLN B 312 -30.04 1.49 25.70
N ALA B 313 -29.17 1.27 24.73
CA ALA B 313 -27.78 1.71 24.88
C ALA B 313 -27.67 3.23 24.93
N VAL B 314 -27.13 3.76 26.02
CA VAL B 314 -26.91 5.21 26.12
C VAL B 314 -25.44 5.59 25.96
N TYR B 315 -24.55 4.61 26.11
CA TYR B 315 -23.14 4.80 25.84
C TYR B 315 -22.53 3.51 25.34
N ARG B 316 -21.66 3.64 24.35
CA ARG B 316 -20.86 2.54 23.84
C ARG B 316 -19.69 3.17 23.12
N PRO B 317 -18.47 2.65 23.32
CA PRO B 317 -17.35 3.18 22.54
C PRO B 317 -17.28 2.58 21.14
N THR B 318 -16.79 3.35 20.17
CA THR B 318 -16.36 2.75 18.92
C THR B 318 -15.17 1.87 19.25
N CYS B 319 -15.03 0.74 18.54
CA CYS B 319 -13.90 -0.11 18.75
C CYS B 319 -13.59 -0.88 17.48
N HIS B 320 -12.36 -0.75 17.00
CA HIS B 320 -11.97 -1.53 15.84
C HIS B 320 -10.47 -1.65 15.72
N TYR B 321 -10.08 -2.58 14.87
CA TYR B 321 -8.68 -2.83 14.57
C TYR B 321 -8.17 -1.74 13.65
N ALA B 322 -6.91 -1.38 13.86
CA ALA B 322 -6.20 -0.44 13.02
C ALA B 322 -4.83 -1.06 12.86
N TYR B 323 -4.75 -2.03 11.95
CA TYR B 323 -3.61 -2.94 11.90
C TYR B 323 -2.62 -2.52 10.85
N HIS B 324 -1.39 -2.25 11.25
CA HIS B 324 -0.28 -2.11 10.29
C HIS B 324 0.59 -3.35 10.45
N PRO B 325 0.42 -4.33 9.58
CA PRO B 325 1.23 -5.55 9.72
C PRO B 325 2.64 -5.28 9.23
N CYS B 326 3.45 -6.32 9.22
CA CYS B 326 4.84 -6.19 8.79
C CYS B 326 4.91 -5.68 7.36
N ASN B 327 6.04 -5.09 7.01
CA ASN B 327 6.15 -4.47 5.71
C ASN B 327 5.91 -5.47 4.60
N ASP B 328 6.35 -6.71 4.77
CA ASP B 328 6.14 -7.68 3.72
C ASP B 328 4.67 -8.05 3.56
N ALA B 329 3.92 -7.99 4.66
CA ALA B 329 2.48 -8.17 4.60
C ALA B 329 1.78 -6.98 3.95
N VAL B 330 2.25 -5.77 4.22
CA VAL B 330 1.69 -4.60 3.54
C VAL B 330 1.88 -4.75 2.02
N LEU B 331 3.07 -5.17 1.60
CA LEU B 331 3.32 -5.44 0.18
C LEU B 331 2.48 -6.58 -0.33
N SER B 332 2.30 -7.61 0.50
CA SER B 332 1.48 -8.74 0.11
C SER B 332 0.02 -8.38 -0.13
N LEU B 333 -0.50 -7.47 0.68
CA LEU B 333 -1.88 -7.00 0.48
C LEU B 333 -2.01 -6.17 -0.80
N HIS B 334 -1.03 -5.31 -1.05
CA HIS B 334 -1.04 -4.49 -2.26
C HIS B 334 -1.00 -5.40 -3.50
N GLU B 335 -0.20 -6.45 -3.41
CA GLU B 335 -0.07 -7.42 -4.50
C GLU B 335 -1.36 -8.20 -4.70
N MET B 336 -1.95 -8.68 -3.60
CA MET B 336 -3.14 -9.53 -3.69
C MET B 336 -4.33 -8.73 -4.20
N PHE B 337 -4.61 -7.60 -3.57
CA PHE B 337 -5.73 -6.78 -4.01
C PHE B 337 -5.50 -6.22 -5.42
N GLY B 338 -4.25 -5.91 -5.74
CA GLY B 338 -3.93 -5.40 -7.07
C GLY B 338 -4.10 -6.45 -8.15
N SER B 339 -3.89 -7.71 -7.78
N SER B 339 -3.87 -7.71 -7.78
N SER B 339 -3.89 -7.72 -7.79
CA SER B 339 -4.03 -8.81 -8.72
CA SER B 339 -4.02 -8.84 -8.71
CA SER B 339 -4.03 -8.80 -8.75
C SER B 339 -5.47 -9.27 -8.82
C SER B 339 -5.48 -9.25 -8.83
C SER B 339 -5.47 -9.26 -8.83
N GLY B 340 -6.24 -9.04 -7.76
CA GLY B 340 -7.61 -9.49 -7.69
C GLY B 340 -7.72 -10.95 -7.26
N LYS B 341 -6.64 -11.53 -6.76
CA LYS B 341 -6.64 -12.94 -6.37
C LYS B 341 -5.45 -13.24 -5.48
N ARG B 342 -5.59 -14.29 -4.68
CA ARG B 342 -4.52 -14.73 -3.83
C ARG B 342 -3.30 -15.10 -4.63
N GLN B 343 -2.14 -14.79 -4.06
CA GLN B 343 -0.87 -15.25 -4.59
C GLN B 343 -0.84 -16.78 -4.70
N SER B 344 0.06 -17.28 -5.55
CA SER B 344 0.13 -18.71 -5.76
CA SER B 344 0.24 -18.70 -5.78
C SER B 344 0.80 -19.43 -4.57
N ASP B 345 1.51 -18.69 -3.73
CA ASP B 345 2.21 -19.28 -2.60
C ASP B 345 2.20 -18.32 -1.44
N TRP B 346 2.55 -18.83 -0.27
CA TRP B 346 2.64 -18.00 0.91
C TRP B 346 3.65 -18.59 1.88
N ARG B 347 4.10 -17.75 2.81
CA ARG B 347 4.97 -18.22 3.86
C ARG B 347 4.80 -17.37 5.09
N ILE B 348 4.98 -18.01 6.23
CA ILE B 348 4.97 -17.37 7.53
C ILE B 348 6.42 -17.25 7.99
N LEU B 349 6.82 -16.03 8.33
CA LEU B 349 8.18 -15.78 8.76
C LEU B 349 8.51 -16.49 10.08
N ASP B 350 9.61 -17.23 10.05
CA ASP B 350 10.14 -17.96 11.20
C ASP B 350 11.04 -17.04 11.98
N GLU B 351 11.22 -17.30 13.27
CA GLU B 351 12.15 -16.45 14.01
C GLU B 351 13.56 -16.53 13.42
N THR B 352 13.92 -17.68 12.85
CA THR B 352 15.24 -17.82 12.25
C THR B 352 15.41 -16.92 11.03
N GLU B 353 14.30 -16.44 10.48
CA GLU B 353 14.31 -15.65 9.27
C GLU B 353 14.20 -14.16 9.53
N ILE B 354 13.79 -13.79 10.74
CA ILE B 354 13.55 -12.40 11.09
C ILE B 354 14.81 -11.72 11.63
N VAL B 355 15.19 -10.59 11.05
N VAL B 355 15.18 -10.58 11.04
CA VAL B 355 16.44 -9.92 11.41
CA VAL B 355 16.42 -9.88 11.37
C VAL B 355 16.27 -8.96 12.59
C VAL B 355 16.25 -9.00 12.60
N ASP B 356 15.09 -8.38 12.71
CA ASP B 356 14.81 -7.45 13.79
C ASP B 356 13.33 -7.11 13.78
N GLY B 357 12.91 -6.30 14.74
CA GLY B 357 11.56 -5.80 14.79
C GLY B 357 10.77 -6.20 16.02
N ILE B 358 9.60 -5.59 16.13
CA ILE B 358 8.70 -5.79 17.26
C ILE B 358 7.30 -6.03 16.76
N ASP B 359 6.43 -6.56 17.62
CA ASP B 359 5.01 -6.51 17.37
C ASP B 359 4.41 -5.58 18.44
N GLU B 360 4.21 -4.33 18.06
CA GLU B 360 3.71 -3.33 18.98
C GLU B 360 2.21 -3.40 18.94
N LEU B 361 1.61 -3.89 20.01
CA LEU B 361 0.20 -4.25 20.00
C LEU B 361 -0.42 -3.69 21.27
N GLY B 362 -1.35 -2.78 21.10
CA GLY B 362 -1.97 -2.16 22.26
C GLY B 362 -3.33 -1.61 21.90
N VAL B 363 -3.90 -0.88 22.85
CA VAL B 363 -5.21 -0.30 22.71
C VAL B 363 -5.06 1.22 22.85
N LEU B 364 -5.67 1.93 21.92
CA LEU B 364 -5.61 3.37 21.85
C LEU B 364 -7.00 3.90 22.25
N LEU B 365 -7.10 4.40 23.48
CA LEU B 365 -8.37 4.94 24.00
C LEU B 365 -8.34 6.42 23.75
N TYR B 366 -9.38 6.93 23.09
CA TYR B 366 -9.41 8.34 22.72
C TYR B 366 -10.72 9.01 23.07
N GLY B 367 -10.69 10.35 23.07
CA GLY B 367 -11.87 11.15 23.24
C GLY B 367 -12.01 11.71 24.65
N HIS B 368 -11.14 11.26 25.55
CA HIS B 368 -11.15 11.68 26.95
C HIS B 368 -10.32 12.96 27.13
N GLY B 369 -10.15 13.40 28.37
CA GLY B 369 -9.54 14.69 28.63
C GLY B 369 -8.05 14.81 28.32
N LYS B 370 -7.40 13.68 28.11
CA LYS B 370 -6.00 13.67 27.70
C LYS B 370 -5.82 13.20 26.25
N ASN B 371 -6.89 13.32 25.49
CA ASN B 371 -6.93 13.08 24.05
C ASN B 371 -6.87 11.62 23.68
N ALA B 372 -5.70 11.03 23.80
CA ALA B 372 -5.50 9.66 23.40
C ALA B 372 -4.38 9.04 24.23
N TYR B 373 -4.56 7.75 24.51
CA TYR B 373 -3.69 6.99 25.39
C TYR B 373 -3.55 5.61 24.80
N TRP B 374 -2.31 5.22 24.54
CA TRP B 374 -2.03 3.89 24.01
C TRP B 374 -1.43 3.06 25.13
N TYR B 375 -1.94 1.85 25.32
CA TYR B 375 -1.41 0.94 26.33
C TYR B 375 -1.22 -0.43 25.71
N GLY B 376 -0.03 -0.99 25.84
CA GLY B 376 0.23 -2.31 25.30
C GLY B 376 1.68 -2.75 25.26
N SER B 377 1.91 -3.83 24.52
CA SER B 377 3.19 -4.52 24.46
C SER B 377 4.03 -4.05 23.30
N GLN B 378 5.34 -4.01 23.53
CA GLN B 378 6.31 -3.64 22.50
C GLN B 378 7.31 -4.79 22.30
N LEU B 379 6.83 -6.01 22.47
CA LEU B 379 7.71 -7.19 22.41
C LEU B 379 8.55 -7.28 21.15
N SER B 380 9.85 -7.43 21.32
CA SER B 380 10.78 -7.57 20.21
C SER B 380 11.09 -9.03 19.89
N ILE B 381 11.57 -9.27 18.67
CA ILE B 381 11.96 -10.60 18.28
C ILE B 381 13.17 -11.05 19.12
N GLU B 382 14.05 -10.12 19.47
CA GLU B 382 15.24 -10.52 20.22
C GLU B 382 14.85 -11.01 21.62
N GLU B 383 13.92 -10.32 22.26
CA GLU B 383 13.46 -10.74 23.57
CA GLU B 383 13.42 -10.72 23.58
C GLU B 383 12.70 -12.05 23.47
N THR B 384 11.89 -12.20 22.42
CA THR B 384 11.14 -13.41 22.18
C THR B 384 12.06 -14.62 22.18
N ARG B 385 13.14 -14.53 21.44
CA ARG B 385 14.06 -15.66 21.33
C ARG B 385 14.69 -16.00 22.66
N ARG B 386 14.90 -14.99 23.49
CA ARG B 386 15.52 -15.22 24.80
C ARG B 386 14.61 -16.01 25.72
N ILE B 387 13.30 -15.86 25.55
CA ILE B 387 12.35 -16.35 26.56
C ILE B 387 11.40 -17.46 26.14
N ALA B 388 11.26 -17.71 24.84
CA ALA B 388 10.38 -18.79 24.38
C ALA B 388 10.82 -19.29 23.01
N PRO B 389 10.73 -20.60 22.79
CA PRO B 389 11.17 -21.19 21.53
C PRO B 389 10.09 -21.25 20.46
N ASP B 390 10.52 -21.46 19.22
CA ASP B 390 9.68 -21.89 18.12
C ASP B 390 8.63 -20.88 17.69
N GLN B 391 8.92 -19.61 17.87
CA GLN B 391 7.96 -18.57 17.49
C GLN B 391 8.58 -17.21 17.38
N ASN B 392 7.89 -16.33 16.65
CA ASN B 392 8.30 -14.94 16.54
C ASN B 392 7.52 -14.10 17.55
N ALA B 393 7.67 -12.78 17.51
CA ALA B 393 7.07 -11.93 18.52
C ALA B 393 5.54 -11.91 18.38
N THR B 394 5.05 -11.99 17.15
CA THR B 394 3.61 -12.09 16.94
C THR B 394 3.08 -13.34 17.64
N GLY B 395 3.73 -14.47 17.38
CA GLY B 395 3.26 -15.73 17.93
C GLY B 395 3.28 -15.75 19.44
N LEU B 396 4.32 -15.17 20.04
CA LEU B 396 4.48 -15.23 21.49
C LEU B 396 3.38 -14.44 22.21
N GLN B 397 2.98 -13.29 21.67
CA GLN B 397 1.89 -12.59 22.29
C GLN B 397 0.61 -13.44 22.29
N VAL B 398 0.42 -14.23 21.25
CA VAL B 398 -0.75 -15.07 21.13
C VAL B 398 -0.64 -16.30 22.05
N SER B 399 0.48 -17.02 21.95
CA SER B 399 0.63 -18.26 22.72
C SER B 399 0.60 -17.97 24.22
N SER B 400 1.21 -16.86 24.64
CA SER B 400 1.21 -16.52 26.05
C SER B 400 -0.21 -16.14 26.54
N ALA B 401 -1.05 -15.58 25.67
CA ALA B 401 -2.43 -15.32 26.03
C ALA B 401 -3.23 -16.61 26.17
N VAL B 402 -2.96 -17.56 25.28
CA VAL B 402 -3.60 -18.88 25.38
C VAL B 402 -3.20 -19.52 26.72
N LEU B 403 -1.92 -19.44 27.06
CA LEU B 403 -1.43 -19.94 28.34
C LEU B 403 -2.19 -19.30 29.48
N ALA B 404 -2.33 -17.98 29.45
CA ALA B 404 -3.05 -17.28 30.51
C ALA B 404 -4.49 -17.73 30.60
N GLY B 405 -5.13 -17.89 29.46
CA GLY B 405 -6.51 -18.33 29.45
C GLY B 405 -6.67 -19.74 29.97
N MET B 406 -5.70 -20.60 29.68
CA MET B 406 -5.70 -21.97 30.18
C MET B 406 -5.55 -21.97 31.70
N VAL B 407 -4.65 -21.15 32.22
CA VAL B 407 -4.49 -21.06 33.68
C VAL B 407 -5.80 -20.58 34.29
N TRP B 408 -6.39 -19.56 33.69
CA TRP B 408 -7.63 -19.03 34.22
C TRP B 408 -8.72 -20.10 34.19
N ALA B 409 -8.79 -20.87 33.11
CA ALA B 409 -9.84 -21.87 32.97
C ALA B 409 -9.70 -22.98 34.02
N LEU B 410 -8.46 -23.37 34.29
CA LEU B 410 -8.23 -24.39 35.30
C LEU B 410 -8.62 -23.87 36.67
N GLU B 411 -8.43 -22.59 36.90
CA GLU B 411 -8.75 -21.98 38.19
C GLU B 411 -10.23 -21.60 38.29
N ASN B 412 -10.91 -21.62 37.14
CA ASN B 412 -12.33 -21.31 37.05
C ASN B 412 -12.98 -22.21 36.03
N PRO B 413 -13.12 -23.50 36.34
CA PRO B 413 -13.47 -24.51 35.33
C PRO B 413 -14.96 -24.71 35.13
N ASN B 414 -15.78 -24.00 35.90
CA ASN B 414 -17.22 -24.14 35.80
C ASN B 414 -17.89 -22.79 35.58
N ALA B 415 -17.27 -22.01 34.70
CA ALA B 415 -17.67 -20.62 34.45
C ALA B 415 -18.48 -20.45 33.16
N GLY B 416 -18.68 -21.54 32.44
CA GLY B 416 -19.46 -21.49 31.21
C GLY B 416 -18.64 -20.91 30.06
N ILE B 417 -19.35 -20.56 29.00
CA ILE B 417 -18.74 -19.92 27.85
C ILE B 417 -18.38 -18.48 28.22
N VAL B 418 -17.11 -18.14 28.05
CA VAL B 418 -16.59 -16.83 28.42
C VAL B 418 -15.72 -16.25 27.32
N GLU B 419 -15.77 -14.94 27.19
CA GLU B 419 -14.89 -14.20 26.31
C GLU B 419 -13.75 -13.64 27.14
N ALA B 420 -12.75 -13.07 26.47
CA ALA B 420 -11.63 -12.51 27.17
C ALA B 420 -12.05 -11.39 28.10
N ASP B 421 -13.12 -10.71 27.74
CA ASP B 421 -13.65 -9.61 28.52
C ASP B 421 -14.24 -10.10 29.83
N ASP B 422 -14.54 -11.40 29.90
CA ASP B 422 -15.14 -12.00 31.09
C ASP B 422 -14.11 -12.52 32.08
N LEU B 423 -12.87 -12.68 31.65
CA LEU B 423 -11.84 -13.26 32.51
C LEU B 423 -11.32 -12.24 33.50
N ASP B 424 -10.74 -12.72 34.59
CA ASP B 424 -10.09 -11.83 35.53
C ASP B 424 -8.79 -11.28 34.93
N PHE B 425 -8.83 -10.02 34.53
CA PHE B 425 -7.75 -9.48 33.74
C PHE B 425 -6.43 -9.44 34.47
N ARG B 426 -6.45 -9.21 35.78
CA ARG B 426 -5.18 -9.17 36.51
C ARG B 426 -4.49 -10.54 36.59
N ARG B 427 -5.26 -11.61 36.80
CA ARG B 427 -4.67 -12.92 36.85
C ARG B 427 -4.11 -13.29 35.49
N CYS B 428 -4.88 -12.99 34.45
CA CYS B 428 -4.43 -13.31 33.10
C CYS B 428 -3.14 -12.57 32.78
N LEU B 429 -3.08 -11.28 33.10
CA LEU B 429 -1.87 -10.52 32.84
C LEU B 429 -0.71 -10.96 33.72
N GLU B 430 -1.01 -11.43 34.93
CA GLU B 430 0.06 -11.92 35.79
C GLU B 430 0.76 -13.12 35.14
N VAL B 431 -0.03 -13.98 34.49
CA VAL B 431 0.53 -15.13 33.81
C VAL B 431 1.23 -14.68 32.51
N GLN B 432 0.62 -13.75 31.80
CA GLN B 432 1.08 -13.42 30.45
C GLN B 432 2.27 -12.48 30.42
N THR B 433 2.34 -11.57 31.37
CA THR B 433 3.31 -10.47 31.35
C THR B 433 4.78 -10.86 31.14
N PRO B 434 5.23 -12.00 31.70
CA PRO B 434 6.63 -12.38 31.48
C PRO B 434 7.00 -12.54 30.00
N TYR B 435 5.99 -12.65 29.14
CA TYR B 435 6.20 -12.91 27.71
C TYR B 435 5.87 -11.71 26.82
N LEU B 436 5.67 -10.54 27.42
CA LEU B 436 5.17 -9.38 26.67
C LEU B 436 6.20 -8.28 26.44
N GLY B 437 7.40 -8.43 26.96
CA GLY B 437 8.41 -7.40 26.79
C GLY B 437 7.94 -6.12 27.45
N PRO B 438 8.38 -4.97 26.94
CA PRO B 438 7.88 -3.73 27.55
C PRO B 438 6.39 -3.56 27.36
N VAL B 439 5.71 -3.28 28.45
CA VAL B 439 4.29 -2.97 28.45
C VAL B 439 4.14 -1.57 29.01
N VAL B 440 3.69 -0.64 28.17
CA VAL B 440 3.74 0.78 28.50
C VAL B 440 2.45 1.50 28.11
N GLY B 441 2.20 2.60 28.78
CA GLY B 441 1.12 3.52 28.46
C GLY B 441 1.73 4.83 28.02
N VAL B 442 1.24 5.35 26.89
CA VAL B 442 1.78 6.58 26.30
C VAL B 442 0.61 7.45 25.90
N TYR B 443 0.63 8.74 26.29
CA TYR B 443 -0.34 9.71 25.79
C TYR B 443 0.17 10.37 24.52
N THR B 444 -0.76 10.82 23.69
CA THR B 444 -0.38 11.60 22.52
C THR B 444 -1.37 12.70 22.28
N ASP B 445 -0.89 13.79 21.68
CA ASP B 445 -1.78 14.86 21.23
C ASP B 445 -2.19 14.68 19.77
N TRP B 446 -1.73 13.60 19.14
CA TRP B 446 -2.14 13.33 17.79
C TRP B 446 -3.64 13.11 17.71
N THR B 447 -4.27 13.58 16.64
CA THR B 447 -5.66 13.23 16.31
C THR B 447 -5.77 13.00 14.81
N PRO B 448 -6.86 12.39 14.37
CA PRO B 448 -7.07 12.14 12.94
C PRO B 448 -7.15 13.40 12.08
N LEU B 449 -7.34 14.57 12.69
CA LEU B 449 -7.36 15.81 11.93
C LEU B 449 -6.01 16.51 11.87
N ALA B 450 -4.98 15.95 12.47
CA ALA B 450 -3.65 16.55 12.37
C ALA B 450 -3.31 16.80 10.91
N GLY B 451 -2.96 18.02 10.57
CA GLY B 451 -2.56 18.37 9.21
C GLY B 451 -3.69 18.58 8.22
N ARG B 452 -4.93 18.50 8.68
CA ARG B 452 -6.08 18.55 7.79
C ARG B 452 -6.99 19.71 8.12
N PRO B 453 -7.67 20.26 7.10
CA PRO B 453 -7.60 19.85 5.70
C PRO B 453 -6.30 20.32 5.04
N GLY B 454 -5.87 19.58 4.03
CA GLY B 454 -4.66 19.92 3.31
C GLY B 454 -4.96 20.52 1.95
N LEU B 455 -4.24 20.02 0.95
CA LEU B 455 -4.26 20.52 -0.42
C LEU B 455 -5.58 20.38 -1.15
N PHE B 456 -6.40 19.44 -0.72
CA PHE B 456 -7.64 19.10 -1.39
C PHE B 456 -8.80 19.17 -0.44
N PRO B 457 -10.01 19.40 -0.97
CA PRO B 457 -11.17 19.35 -0.09
C PRO B 457 -11.34 17.97 0.51
N GLU B 458 -11.69 17.93 1.78
CA GLU B 458 -11.97 16.68 2.44
C GLU B 458 -13.27 16.75 3.22
N ASP B 459 -13.92 15.61 3.32
CA ASP B 459 -15.21 15.47 3.96
C ASP B 459 -15.02 15.17 5.44
N ILE B 460 -14.57 16.16 6.20
CA ILE B 460 -14.21 15.98 7.60
C ILE B 460 -15.23 16.63 8.53
N ASP B 461 -15.21 16.21 9.78
CA ASP B 461 -16.01 16.81 10.84
C ASP B 461 -15.04 17.52 11.74
N THR B 462 -14.96 18.84 11.61
CA THR B 462 -14.00 19.60 12.39
C THR B 462 -14.41 19.76 13.85
N SER B 463 -15.63 19.38 14.19
CA SER B 463 -16.11 19.58 15.56
C SER B 463 -15.56 18.57 16.55
N ASP B 464 -15.11 17.43 16.03
CA ASP B 464 -14.70 16.32 16.88
C ASP B 464 -13.69 15.50 16.09
N PRO B 465 -12.40 15.66 16.39
CA PRO B 465 -11.34 15.03 15.61
C PRO B 465 -11.47 13.50 15.51
N TRP B 466 -12.05 12.85 16.50
CA TRP B 466 -12.02 11.39 16.57
C TRP B 466 -13.19 10.68 15.90
N GLN B 467 -14.10 11.44 15.30
CA GLN B 467 -15.19 10.86 14.53
C GLN B 467 -14.65 9.91 13.48
N PHE B 468 -15.36 8.81 13.28
CA PHE B 468 -15.03 7.84 12.24
C PHE B 468 -14.96 8.53 10.87
N ARG B 469 -15.78 9.56 10.68
CA ARG B 469 -15.75 10.34 9.44
C ARG B 469 -14.35 10.86 9.15
N ASN B 470 -13.60 11.16 10.21
CA ASN B 470 -12.24 11.65 10.07
C ASN B 470 -11.19 10.55 10.01
N VAL B 471 -11.50 9.42 10.64
CA VAL B 471 -10.56 8.31 10.72
C VAL B 471 -10.52 7.49 9.42
N LEU B 472 -11.68 7.23 8.85
CA LEU B 472 -11.77 6.39 7.67
C LEU B 472 -11.13 7.06 6.46
N VAL B 473 -10.30 6.30 5.77
CA VAL B 473 -9.67 6.79 4.55
C VAL B 473 -10.56 6.48 3.36
N ARG B 474 -10.87 7.49 2.57
CA ARG B 474 -11.63 7.22 1.35
C ARG B 474 -10.70 6.97 0.14
N ASP B 475 -11.04 5.98 -0.68
CA ASP B 475 -10.33 5.72 -1.93
C ASP B 475 -10.49 6.88 -2.94
#